data_4EQB
#
_entry.id   4EQB
#
_cell.length_a   45.635
_cell.length_b   54.347
_cell.length_c   76.704
_cell.angle_alpha   75.83
_cell.angle_beta   80.87
_cell.angle_gamma   77.56
#
_symmetry.space_group_name_H-M   'P 1'
#
loop_
_entity.id
_entity.type
_entity.pdbx_description
1 polymer 'Spermidine/putrescine ABC superfamily ATP binding cassette transporter, binding protein'
2 non-polymer 'CALCIUM ION'
3 non-polymer 'CHLORIDE ION'
4 non-polymer '4-(2-HYDROXYETHYL)-1-PIPERAZINE ETHANESULFONIC ACID'
5 non-polymer DI(HYDROXYETHYL)ETHER
6 water water
#
_entity_poly.entity_id   1
_entity_poly.type   'polypeptide(L)'
_entity_poly.pdbx_seq_one_letter_code
;SNANSRDSQKLVIYNWGDYIDPELLTQFTEETGIQVQYETFDSNEAMYTKIKQGGTTYDIAIPSEYMINKMKDEDLLVPL
DYSKIEGIENIGPEFLNQSFDPGNKFSIPYFWGTLGIVYNETMVDEAPEHWDDLWKLEYKNSIMLFDGAREVLGLGLNSL
GYSLNSKDPQQLEETVDKLYKLTPNIKAIVADEMKGYMIQNNVAIGVTFSGEASQMLEKNENLRYVVPTEASNLWFDNMV
IPKTVKNQDSAYAFINFMLKPENALQNAEYVGYSTPNLPAKELLPEETKEDKAFYPDVETMKHLEVYEKFDHKWTGKYSD
LFLQFKMYRK
;
_entity_poly.pdbx_strand_id   A,B
#
# COMPACT_ATOMS: atom_id res chain seq x y z
N SER A 8 -22.78 -13.28 4.01
CA SER A 8 -21.59 -12.37 4.02
C SER A 8 -20.29 -13.15 4.24
N GLN A 9 -19.99 -14.09 3.34
CA GLN A 9 -18.80 -14.93 3.47
C GLN A 9 -17.57 -14.11 3.11
N LYS A 10 -16.56 -14.18 3.96
CA LYS A 10 -15.35 -13.39 3.77
C LYS A 10 -14.09 -14.08 4.26
N LEU A 11 -12.97 -13.46 3.91
CA LEU A 11 -11.65 -13.96 4.23
C LEU A 11 -10.73 -12.77 4.48
N VAL A 12 -9.99 -12.78 5.60
CA VAL A 12 -8.95 -11.78 5.87
C VAL A 12 -7.59 -12.46 5.60
N ILE A 13 -6.85 -11.95 4.61
CA ILE A 13 -5.52 -12.44 4.24
C ILE A 13 -4.46 -11.42 4.64
N TYR A 14 -3.41 -11.92 5.26
CA TYR A 14 -2.28 -11.07 5.68
C TYR A 14 -1.07 -11.60 4.94
N ASN A 15 -0.56 -10.80 4.01
CA ASN A 15 0.54 -11.23 3.13
C ASN A 15 1.58 -10.14 2.95
N TRP A 16 2.76 -10.55 2.49
CA TRP A 16 3.76 -9.60 2.04
C TRP A 16 3.20 -8.71 0.94
N GLY A 17 3.65 -7.44 0.85
CA GLY A 17 3.29 -6.61 -0.28
C GLY A 17 3.78 -7.17 -1.62
N ASP A 18 2.99 -6.95 -2.66
CA ASP A 18 3.35 -7.31 -4.04
C ASP A 18 3.70 -8.78 -4.17
N TYR A 19 2.86 -9.62 -3.57
CA TYR A 19 3.17 -11.06 -3.45
C TYR A 19 2.02 -11.97 -3.78
N ILE A 20 1.12 -11.49 -4.63
CA ILE A 20 0.07 -12.31 -5.25
C ILE A 20 -0.35 -11.61 -6.54
N ASP A 21 -0.80 -12.36 -7.53
CA ASP A 21 -1.46 -11.74 -8.69
C ASP A 21 -2.82 -11.26 -8.19
N PRO A 22 -3.07 -9.95 -8.22
CA PRO A 22 -4.35 -9.46 -7.72
C PRO A 22 -5.53 -10.06 -8.45
N GLU A 23 -5.37 -10.48 -9.70
CA GLU A 23 -6.48 -11.04 -10.45
C GLU A 23 -6.94 -12.35 -9.79
N LEU A 24 -6.02 -13.06 -9.11
CA LEU A 24 -6.40 -14.29 -8.43
C LEU A 24 -7.37 -14.03 -7.30
N LEU A 25 -7.23 -12.90 -6.61
CA LEU A 25 -8.22 -12.53 -5.55
C LEU A 25 -9.59 -12.33 -6.16
N THR A 26 -9.64 -11.68 -7.32
CA THR A 26 -10.89 -11.45 -8.01
C THR A 26 -11.52 -12.76 -8.49
N GLN A 27 -10.71 -13.66 -9.05
CA GLN A 27 -11.19 -15.01 -9.43
C GLN A 27 -11.72 -15.78 -8.24
N PHE A 28 -10.97 -15.76 -7.15
CA PHE A 28 -11.39 -16.44 -5.93
C PHE A 28 -12.77 -15.98 -5.47
N THR A 29 -12.95 -14.68 -5.39
CA THR A 29 -14.22 -14.11 -4.94
C THR A 29 -15.38 -14.46 -5.90
N GLU A 30 -15.09 -14.41 -7.20
CA GLU A 30 -16.13 -14.71 -8.18
C GLU A 30 -16.52 -16.17 -8.15
N GLU A 31 -15.54 -17.04 -7.92
CA GLU A 31 -15.76 -18.47 -7.98
C GLU A 31 -16.42 -19.04 -6.71
N THR A 32 -16.07 -18.46 -5.57
CA THR A 32 -16.56 -18.96 -4.29
C THR A 32 -17.57 -18.08 -3.60
N GLY A 33 -17.71 -16.83 -4.05
CA GLY A 33 -18.57 -15.86 -3.38
C GLY A 33 -17.95 -15.26 -2.12
N ILE A 34 -16.72 -15.65 -1.81
CA ILE A 34 -16.03 -15.18 -0.59
C ILE A 34 -15.30 -13.87 -0.86
N GLN A 35 -15.71 -12.81 -0.18
CA GLN A 35 -15.02 -11.52 -0.32
C GLN A 35 -13.69 -11.56 0.39
N VAL A 36 -12.73 -10.77 -0.10
CA VAL A 36 -11.39 -10.71 0.47
C VAL A 36 -11.11 -9.35 1.07
N GLN A 37 -10.70 -9.37 2.32
CA GLN A 37 -10.20 -8.16 3.01
C GLN A 37 -8.68 -8.40 3.02
N TYR A 38 -7.93 -7.58 2.29
CA TYR A 38 -6.50 -7.84 2.08
C TYR A 38 -5.65 -6.91 2.89
N GLU A 39 -4.73 -7.46 3.66
CA GLU A 39 -3.83 -6.71 4.52
C GLU A 39 -2.40 -7.11 4.17
N THR A 40 -1.49 -6.12 4.13
CA THR A 40 -0.09 -6.38 3.81
C THR A 40 0.84 -6.02 4.94
N PHE A 41 1.97 -6.70 4.95
CA PHE A 41 3.11 -6.38 5.81
C PHE A 41 4.35 -6.44 4.92
N ASP A 42 5.47 -5.85 5.37
CA ASP A 42 6.70 -5.91 4.56
C ASP A 42 7.95 -6.34 5.31
N SER A 43 7.76 -6.80 6.55
CA SER A 43 8.86 -7.40 7.29
C SER A 43 8.32 -8.47 8.19
N ASN A 44 9.20 -9.40 8.54
CA ASN A 44 8.89 -10.46 9.51
C ASN A 44 8.44 -9.87 10.83
N GLU A 45 9.18 -8.90 11.30
CA GLU A 45 8.91 -8.32 12.60
C GLU A 45 7.53 -7.62 12.65
N ALA A 46 7.17 -6.89 11.60
CA ALA A 46 5.88 -6.20 11.59
C ALA A 46 4.72 -7.20 11.63
N MET A 47 4.82 -8.25 10.83
CA MET A 47 3.82 -9.29 10.81
C MET A 47 3.66 -9.94 12.19
N TYR A 48 4.78 -10.35 12.78
CA TYR A 48 4.75 -11.03 14.08
C TYR A 48 4.05 -10.20 15.14
N THR A 49 4.37 -8.91 15.19
CA THR A 49 3.79 -8.02 16.19
C THR A 49 2.27 -7.95 16.07
N LYS A 50 1.76 -7.83 14.86
CA LYS A 50 0.31 -7.75 14.65
C LYS A 50 -0.42 -9.07 14.90
N ILE A 51 0.24 -10.19 14.63
CA ILE A 51 -0.37 -11.51 14.89
C ILE A 51 -0.38 -11.81 16.40
N LYS A 52 0.77 -11.59 17.04
CA LYS A 52 0.97 -11.81 18.49
C LYS A 52 0.05 -10.93 19.32
N GLN A 53 -0.25 -9.73 18.82
CA GLN A 53 -1.07 -8.78 19.57
C GLN A 53 -2.47 -9.38 19.82
N GLY A 54 -2.91 -10.22 18.89
CA GLY A 54 -4.15 -11.00 19.00
C GLY A 54 -5.48 -10.31 18.75
N GLY A 55 -5.46 -8.98 18.64
CA GLY A 55 -6.68 -8.19 18.50
C GLY A 55 -7.21 -8.05 17.09
N THR A 56 -6.38 -8.38 16.10
CA THR A 56 -6.75 -8.29 14.69
C THR A 56 -7.00 -9.68 14.12
N THR A 57 -8.15 -9.86 13.51
CA THR A 57 -8.50 -11.14 12.96
C THR A 57 -7.75 -11.35 11.65
N TYR A 58 -7.02 -12.47 11.53
CA TYR A 58 -6.45 -12.91 10.26
C TYR A 58 -6.83 -14.39 10.09
N ASP A 59 -7.31 -14.74 8.89
CA ASP A 59 -7.71 -16.09 8.55
C ASP A 59 -6.60 -16.87 7.85
N ILE A 60 -5.84 -16.18 7.00
CA ILE A 60 -4.69 -16.73 6.30
C ILE A 60 -3.54 -15.74 6.43
N ALA A 61 -2.36 -16.24 6.75
CA ALA A 61 -1.14 -15.41 6.72
C ALA A 61 -0.11 -16.16 5.93
N ILE A 62 0.87 -15.43 5.38
N ILE A 62 0.88 -15.46 5.38
CA ILE A 62 1.94 -15.99 4.53
CA ILE A 62 1.89 -16.14 4.58
C ILE A 62 3.34 -15.72 5.17
C ILE A 62 3.31 -15.85 5.10
N PRO A 63 3.66 -16.42 6.26
CA PRO A 63 4.96 -16.18 6.91
C PRO A 63 6.14 -16.94 6.28
N SER A 64 7.34 -16.43 6.54
CA SER A 64 8.58 -17.10 6.21
C SER A 64 8.79 -18.30 7.14
N GLU A 65 9.68 -19.19 6.74
N GLU A 65 9.69 -19.19 6.76
CA GLU A 65 10.02 -20.35 7.55
CA GLU A 65 10.00 -20.36 7.58
C GLU A 65 10.53 -19.95 8.95
C GLU A 65 10.54 -19.96 8.96
N TYR A 66 11.30 -18.86 9.05
CA TYR A 66 11.80 -18.38 10.34
C TYR A 66 10.63 -18.06 11.28
N MET A 67 9.63 -17.37 10.73
N MET A 67 9.64 -17.38 10.72
CA MET A 67 8.48 -16.99 11.55
CA MET A 67 8.50 -16.97 11.52
C MET A 67 7.55 -18.15 11.87
C MET A 67 7.54 -18.13 11.86
N ILE A 68 7.52 -19.19 11.03
CA ILE A 68 6.70 -20.37 11.34
C ILE A 68 7.32 -21.05 12.54
N ASN A 69 8.65 -21.15 12.56
CA ASN A 69 9.33 -21.73 13.73
C ASN A 69 8.86 -20.96 14.97
N LYS A 70 8.98 -19.64 14.93
CA LYS A 70 8.64 -18.79 16.09
C LYS A 70 7.17 -18.86 16.51
N MET A 71 6.25 -18.80 15.57
CA MET A 71 4.85 -18.76 15.92
C MET A 71 4.28 -20.10 16.34
N LYS A 72 4.78 -21.21 15.81
CA LYS A 72 4.21 -22.49 16.22
C LYS A 72 4.57 -22.78 17.66
N ASP A 73 5.74 -22.32 18.07
CA ASP A 73 6.21 -22.50 19.45
C ASP A 73 5.44 -21.67 20.46
N GLU A 74 4.82 -20.58 20.00
CA GLU A 74 4.02 -19.70 20.85
C GLU A 74 2.51 -20.00 20.70
N ASP A 75 2.19 -21.11 20.03
CA ASP A 75 0.81 -21.55 19.87
C ASP A 75 -0.08 -20.50 19.19
N LEU A 76 0.49 -19.89 18.16
CA LEU A 76 -0.22 -18.87 17.40
C LEU A 76 -0.87 -19.39 16.12
N LEU A 77 -0.62 -20.65 15.73
CA LEU A 77 -1.13 -21.21 14.49
C LEU A 77 -2.05 -22.38 14.74
N VAL A 78 -3.03 -22.52 13.86
CA VAL A 78 -4.01 -23.61 13.93
C VAL A 78 -3.46 -24.81 13.16
N PRO A 79 -3.43 -26.00 13.79
N PRO A 79 -3.47 -26.00 13.77
CA PRO A 79 -3.01 -27.18 13.05
CA PRO A 79 -3.01 -27.17 13.02
C PRO A 79 -3.98 -27.45 11.88
C PRO A 79 -3.99 -27.38 11.86
N LEU A 80 -3.43 -27.58 10.67
CA LEU A 80 -4.26 -27.73 9.47
C LEU A 80 -5.03 -29.05 9.42
N ASP A 81 -6.31 -28.95 9.06
CA ASP A 81 -7.20 -30.08 8.90
C ASP A 81 -7.10 -30.58 7.45
N TYR A 82 -6.28 -31.61 7.23
CA TYR A 82 -6.07 -32.10 5.88
C TYR A 82 -7.29 -32.76 5.27
N SER A 83 -8.29 -33.10 6.09
CA SER A 83 -9.54 -33.63 5.53
C SER A 83 -10.32 -32.54 4.78
N LYS A 84 -9.95 -31.27 4.97
CA LYS A 84 -10.60 -30.15 4.29
C LYS A 84 -9.73 -29.61 3.16
N ILE A 85 -8.52 -30.17 3.00
CA ILE A 85 -7.56 -29.71 1.98
C ILE A 85 -7.57 -30.60 0.77
N GLU A 86 -7.65 -29.98 -0.40
CA GLU A 86 -7.65 -30.64 -1.68
C GLU A 86 -6.42 -30.24 -2.47
N GLY A 87 -5.72 -31.22 -3.03
CA GLY A 87 -4.59 -30.94 -3.88
C GLY A 87 -3.23 -30.89 -3.22
N ILE A 88 -3.08 -31.40 -2.00
CA ILE A 88 -1.76 -31.38 -1.37
C ILE A 88 -0.73 -32.21 -2.17
N GLU A 89 -1.24 -33.18 -2.94
CA GLU A 89 -0.41 -34.00 -3.79
C GLU A 89 0.30 -33.16 -4.85
N ASN A 90 -0.18 -31.93 -5.06
CA ASN A 90 0.45 -31.08 -6.09
C ASN A 90 1.74 -30.45 -5.64
N ILE A 91 1.99 -30.45 -4.33
CA ILE A 91 3.23 -29.87 -3.79
C ILE A 91 4.33 -30.93 -3.84
N GLY A 92 5.48 -30.57 -4.39
CA GLY A 92 6.56 -31.51 -4.53
C GLY A 92 7.05 -32.04 -3.21
N PRO A 93 7.44 -33.32 -3.18
CA PRO A 93 7.90 -33.88 -1.90
C PRO A 93 9.12 -33.19 -1.31
N GLU A 94 9.95 -32.61 -2.17
CA GLU A 94 11.14 -31.93 -1.74
C GLU A 94 10.84 -30.64 -0.96
N PHE A 95 9.57 -30.21 -0.98
CA PHE A 95 9.16 -28.98 -0.29
C PHE A 95 8.38 -29.20 1.00
N LEU A 96 8.17 -30.46 1.34
CA LEU A 96 7.37 -30.87 2.47
C LEU A 96 8.20 -31.49 3.57
N ASN A 97 7.62 -31.57 4.76
CA ASN A 97 8.26 -32.20 5.92
C ASN A 97 9.68 -31.67 6.19
N GLN A 98 9.74 -30.35 6.27
CA GLN A 98 10.97 -29.63 6.53
C GLN A 98 11.13 -29.37 8.01
N SER A 99 12.35 -28.95 8.40
CA SER A 99 12.66 -28.81 9.81
C SER A 99 11.83 -27.77 10.57
N PHE A 100 11.37 -26.74 9.85
CA PHE A 100 10.58 -25.67 10.48
C PHE A 100 9.11 -26.03 10.74
N ASP A 101 8.64 -27.11 10.12
CA ASP A 101 7.23 -27.58 10.28
C ASP A 101 7.16 -29.06 9.91
N PRO A 102 7.72 -29.92 10.76
CA PRO A 102 7.68 -31.34 10.48
C PRO A 102 6.24 -31.84 10.27
N GLY A 103 6.07 -32.69 9.26
CA GLY A 103 4.76 -33.21 8.87
C GLY A 103 3.79 -32.20 8.31
N ASN A 104 4.25 -30.99 8.04
CA ASN A 104 3.37 -29.91 7.58
C ASN A 104 2.14 -29.80 8.47
N LYS A 105 2.37 -29.84 9.78
CA LYS A 105 1.29 -29.74 10.72
C LYS A 105 0.58 -28.38 10.63
N PHE A 106 1.34 -27.33 10.36
CA PHE A 106 0.79 -25.97 10.38
C PHE A 106 0.83 -25.20 9.07
N SER A 107 1.53 -25.67 8.05
CA SER A 107 1.78 -24.81 6.91
C SER A 107 1.88 -25.56 5.61
N ILE A 108 1.67 -24.82 4.52
CA ILE A 108 1.75 -25.35 3.14
C ILE A 108 2.55 -24.38 2.29
N PRO A 109 3.54 -24.88 1.54
CA PRO A 109 4.35 -23.97 0.75
C PRO A 109 3.57 -23.11 -0.23
N TYR A 110 3.99 -21.86 -0.30
CA TYR A 110 3.43 -20.82 -1.17
C TYR A 110 4.42 -20.57 -2.32
N PHE A 111 5.59 -20.04 -1.98
CA PHE A 111 6.75 -19.95 -2.87
C PHE A 111 7.97 -20.44 -2.10
N TRP A 112 9.03 -20.79 -2.85
CA TRP A 112 10.28 -21.25 -2.24
C TRP A 112 11.44 -20.67 -2.97
N GLY A 113 12.63 -20.78 -2.39
CA GLY A 113 13.81 -20.38 -3.09
C GLY A 113 15.11 -20.74 -2.39
N THR A 114 16.17 -20.08 -2.82
CA THR A 114 17.50 -20.34 -2.36
C THR A 114 18.26 -19.05 -2.03
N LEU A 115 19.44 -19.24 -1.41
CA LEU A 115 20.50 -18.19 -1.32
C LEU A 115 21.48 -18.51 -2.47
N GLY A 116 22.04 -17.50 -3.12
CA GLY A 116 22.95 -17.74 -4.21
C GLY A 116 23.69 -16.49 -4.60
N ILE A 117 24.16 -16.52 -5.84
CA ILE A 117 25.02 -15.48 -6.36
C ILE A 117 24.41 -14.82 -7.57
N VAL A 118 24.15 -13.51 -7.47
N VAL A 118 24.20 -13.51 -7.47
CA VAL A 118 23.70 -12.69 -8.61
CA VAL A 118 23.79 -12.67 -8.59
C VAL A 118 24.94 -12.00 -9.19
C VAL A 118 25.06 -12.15 -9.20
N TYR A 119 25.12 -12.11 -10.51
CA TYR A 119 26.30 -11.53 -11.15
C TYR A 119 25.96 -10.88 -12.46
N ASN A 120 26.79 -9.92 -12.83
CA ASN A 120 26.65 -9.25 -14.10
C ASN A 120 27.54 -9.98 -15.10
N GLU A 121 26.91 -10.65 -16.07
N GLU A 121 26.89 -10.62 -16.09
CA GLU A 121 27.65 -11.45 -17.06
CA GLU A 121 27.55 -11.45 -17.13
C GLU A 121 28.70 -10.63 -17.80
C GLU A 121 28.57 -10.68 -17.96
N THR A 122 28.43 -9.36 -18.03
CA THR A 122 29.35 -8.54 -18.78
C THR A 122 30.55 -8.04 -17.97
N MET A 123 30.49 -8.16 -16.65
CA MET A 123 31.54 -7.66 -15.73
C MET A 123 32.45 -8.73 -15.19
N VAL A 124 32.13 -9.99 -15.45
CA VAL A 124 32.98 -11.11 -15.03
C VAL A 124 33.48 -11.87 -16.27
N ASP A 125 34.58 -12.59 -16.13
N ASP A 125 34.63 -12.53 -16.15
CA ASP A 125 35.04 -13.43 -17.23
CA ASP A 125 35.25 -13.26 -17.27
C ASP A 125 34.16 -14.67 -17.16
C ASP A 125 34.68 -14.68 -17.44
N GLU A 126 34.67 -15.77 -16.60
N GLU A 126 34.49 -15.37 -16.32
CA GLU A 126 33.85 -16.95 -16.44
CA GLU A 126 33.84 -16.67 -16.34
C GLU A 126 32.89 -16.72 -15.27
C GLU A 126 32.83 -16.60 -15.23
N ALA A 127 31.66 -17.18 -15.46
CA ALA A 127 30.60 -17.08 -14.47
C ALA A 127 30.96 -17.79 -13.18
N PRO A 128 30.61 -17.18 -12.02
CA PRO A 128 30.78 -17.92 -10.79
C PRO A 128 29.82 -19.12 -10.80
N GLU A 129 30.22 -20.20 -10.12
N GLU A 129 30.19 -20.18 -10.08
CA GLU A 129 29.44 -21.46 -10.03
CA GLU A 129 29.35 -21.36 -9.95
C GLU A 129 29.42 -22.08 -8.62
C GLU A 129 29.28 -21.82 -8.51
N HIS A 130 30.41 -21.72 -7.81
CA HIS A 130 30.55 -22.25 -6.47
C HIS A 130 30.92 -21.18 -5.49
N TRP A 131 30.67 -21.41 -4.19
CA TRP A 131 31.00 -20.41 -3.19
C TRP A 131 32.48 -20.03 -3.28
N ASP A 132 33.38 -21.03 -3.44
CA ASP A 132 34.84 -20.72 -3.54
C ASP A 132 35.19 -19.78 -4.67
N ASP A 133 34.40 -19.73 -5.74
CA ASP A 133 34.68 -18.80 -6.83
C ASP A 133 34.69 -17.32 -6.34
N LEU A 134 33.99 -17.02 -5.26
CA LEU A 134 33.94 -15.64 -4.75
C LEU A 134 35.32 -15.18 -4.28
N TRP A 135 36.20 -16.12 -3.91
CA TRP A 135 37.55 -15.82 -3.43
C TRP A 135 38.58 -15.55 -4.52
N LYS A 136 38.19 -15.67 -5.79
CA LYS A 136 39.11 -15.46 -6.90
C LYS A 136 39.71 -14.08 -6.94
N LEU A 137 40.99 -14.05 -7.31
CA LEU A 137 41.76 -12.80 -7.39
C LEU A 137 41.09 -11.75 -8.26
N GLU A 138 40.47 -12.17 -9.36
CA GLU A 138 39.81 -11.24 -10.27
C GLU A 138 38.68 -10.42 -9.69
N TYR A 139 38.13 -10.85 -8.56
CA TYR A 139 36.99 -10.16 -7.98
C TYR A 139 37.32 -9.11 -6.91
N LYS A 140 38.54 -8.57 -6.95
CA LYS A 140 38.93 -7.50 -6.04
C LYS A 140 37.86 -6.39 -6.02
N ASN A 141 37.40 -6.01 -4.82
N ASN A 141 37.41 -6.01 -4.82
CA ASN A 141 36.41 -4.94 -4.61
CA ASN A 141 36.42 -4.96 -4.65
C ASN A 141 35.15 -5.06 -5.49
C ASN A 141 35.26 -5.08 -5.63
N SER A 142 34.77 -6.30 -5.81
CA SER A 142 33.67 -6.57 -6.76
C SER A 142 32.41 -7.24 -6.22
N ILE A 143 32.36 -7.54 -4.92
CA ILE A 143 31.27 -8.30 -4.35
C ILE A 143 30.53 -7.63 -3.23
N MET A 144 29.23 -7.71 -3.23
CA MET A 144 28.46 -7.26 -2.10
C MET A 144 27.83 -8.47 -1.44
N LEU A 145 27.90 -8.53 -0.10
CA LEU A 145 27.36 -9.65 0.67
C LEU A 145 26.12 -9.25 1.43
N PHE A 146 25.15 -10.15 1.47
CA PHE A 146 23.92 -9.96 2.22
C PHE A 146 24.28 -9.73 3.71
N ASP A 147 23.66 -8.73 4.32
CA ASP A 147 23.97 -8.40 5.71
C ASP A 147 23.20 -9.29 6.67
N GLY A 148 23.75 -10.48 6.90
CA GLY A 148 23.16 -11.42 7.84
C GLY A 148 24.16 -12.46 8.27
N ALA A 149 24.18 -12.76 9.56
CA ALA A 149 25.12 -13.71 10.13
C ALA A 149 24.95 -15.12 9.62
N ARG A 150 23.72 -15.60 9.60
CA ARG A 150 23.47 -16.97 9.11
C ARG A 150 23.84 -17.13 7.64
N GLU A 151 23.53 -16.10 6.85
CA GLU A 151 23.81 -16.12 5.43
C GLU A 151 25.32 -16.17 5.15
N VAL A 152 26.07 -15.27 5.76
CA VAL A 152 27.52 -15.14 5.53
C VAL A 152 28.32 -16.28 6.18
N LEU A 153 28.05 -16.58 7.44
N LEU A 153 28.06 -16.58 7.45
CA LEU A 153 28.72 -17.70 8.09
CA LEU A 153 28.71 -17.71 8.09
C LEU A 153 28.33 -18.99 7.39
C LEU A 153 28.33 -18.98 7.36
N GLY A 154 27.08 -19.09 6.95
CA GLY A 154 26.63 -20.27 6.24
C GLY A 154 27.33 -20.52 4.94
N LEU A 155 27.56 -19.46 4.15
CA LEU A 155 28.23 -19.67 2.86
C LEU A 155 29.72 -19.99 3.10
N GLY A 156 30.30 -19.41 4.15
CA GLY A 156 31.67 -19.74 4.52
C GLY A 156 31.77 -21.22 4.91
N LEU A 157 30.87 -21.66 5.77
CA LEU A 157 30.79 -23.06 6.17
C LEU A 157 30.65 -23.97 4.94
N ASN A 158 29.71 -23.63 4.08
CA ASN A 158 29.49 -24.42 2.86
C ASN A 158 30.73 -24.48 1.97
N SER A 159 31.46 -23.37 1.89
CA SER A 159 32.69 -23.32 1.08
C SER A 159 33.77 -24.27 1.58
N LEU A 160 33.68 -24.70 2.85
CA LEU A 160 34.61 -25.60 3.51
C LEU A 160 34.06 -27.03 3.60
N GLY A 161 32.90 -27.27 3.01
CA GLY A 161 32.24 -28.58 3.07
C GLY A 161 31.47 -28.87 4.35
N TYR A 162 31.23 -27.83 5.13
CA TYR A 162 30.49 -27.95 6.39
C TYR A 162 29.05 -27.52 6.25
N SER A 163 28.22 -27.99 7.16
CA SER A 163 26.83 -27.63 7.19
C SER A 163 26.64 -26.16 7.57
N LEU A 164 25.67 -25.48 6.94
CA LEU A 164 25.31 -24.12 7.34
C LEU A 164 24.58 -24.03 8.69
N ASN A 165 24.38 -25.19 9.34
CA ASN A 165 23.82 -25.28 10.68
C ASN A 165 24.86 -25.78 11.68
N SER A 166 26.15 -25.74 11.34
CA SER A 166 27.18 -26.28 12.24
C SER A 166 27.18 -25.67 13.62
N LYS A 167 27.37 -26.54 14.60
CA LYS A 167 27.54 -26.16 16.01
C LYS A 167 28.89 -26.68 16.50
N ASP A 168 29.86 -26.75 15.60
CA ASP A 168 31.21 -27.22 15.90
C ASP A 168 32.13 -25.98 15.96
N PRO A 169 32.66 -25.67 17.16
CA PRO A 169 33.46 -24.46 17.31
C PRO A 169 34.64 -24.40 16.37
N GLN A 170 35.27 -25.53 16.11
CA GLN A 170 36.43 -25.58 15.23
C GLN A 170 36.01 -25.27 13.79
N GLN A 171 34.85 -25.77 13.37
CA GLN A 171 34.35 -25.48 12.03
C GLN A 171 34.09 -23.99 11.87
N LEU A 172 33.54 -23.36 12.92
N LEU A 172 33.51 -23.35 12.90
CA LEU A 172 33.23 -21.94 12.92
CA LEU A 172 33.25 -21.91 12.83
C LEU A 172 34.48 -21.06 12.94
C LEU A 172 34.54 -21.09 12.84
N GLU A 173 35.52 -21.50 13.63
CA GLU A 173 36.82 -20.81 13.66
C GLU A 173 37.43 -20.86 12.26
N GLU A 174 37.40 -22.05 11.65
CA GLU A 174 37.92 -22.20 10.30
C GLU A 174 37.15 -21.32 9.30
N THR A 175 35.83 -21.22 9.51
CA THR A 175 34.97 -20.40 8.63
C THR A 175 35.34 -18.93 8.73
N VAL A 176 35.51 -18.42 9.94
CA VAL A 176 35.88 -17.00 10.10
C VAL A 176 37.24 -16.74 9.44
N ASP A 177 38.21 -17.64 9.66
CA ASP A 177 39.54 -17.46 9.03
C ASP A 177 39.43 -17.41 7.50
N LYS A 178 38.57 -18.27 6.94
CA LYS A 178 38.32 -18.33 5.49
C LYS A 178 37.64 -17.03 5.01
N LEU A 179 36.65 -16.55 5.74
CA LEU A 179 35.97 -15.29 5.36
C LEU A 179 36.94 -14.09 5.41
N TYR A 180 37.89 -14.09 6.34
CA TYR A 180 38.87 -13.01 6.34
C TYR A 180 39.57 -12.92 4.98
N LYS A 181 39.85 -14.06 4.36
N LYS A 181 39.84 -14.07 4.37
CA LYS A 181 40.54 -14.08 3.06
CA LYS A 181 40.54 -14.12 3.09
C LYS A 181 39.69 -13.56 1.91
C LYS A 181 39.68 -13.61 1.91
N LEU A 182 38.40 -13.39 2.15
CA LEU A 182 37.48 -12.87 1.13
C LEU A 182 37.42 -11.34 1.16
N THR A 183 37.97 -10.72 2.20
CA THR A 183 37.81 -9.27 2.34
C THR A 183 38.35 -8.42 1.20
N PRO A 184 39.47 -8.83 0.54
CA PRO A 184 39.91 -8.01 -0.59
C PRO A 184 38.87 -7.89 -1.72
N ASN A 185 37.90 -8.79 -1.76
CA ASN A 185 36.88 -8.82 -2.81
C ASN A 185 35.55 -8.19 -2.42
N ILE A 186 35.36 -7.91 -1.14
N ILE A 186 35.37 -7.90 -1.14
CA ILE A 186 34.10 -7.34 -0.68
CA ILE A 186 34.10 -7.35 -0.67
C ILE A 186 34.09 -5.82 -0.75
C ILE A 186 34.04 -5.83 -0.70
N LYS A 187 33.16 -5.31 -1.55
CA LYS A 187 32.94 -3.87 -1.69
C LYS A 187 32.13 -3.36 -0.51
N ALA A 188 31.09 -4.12 -0.14
CA ALA A 188 30.22 -3.76 0.97
C ALA A 188 29.36 -4.91 1.46
N ILE A 189 28.86 -4.75 2.67
CA ILE A 189 27.90 -5.67 3.28
C ILE A 189 26.61 -4.87 3.42
N VAL A 190 25.57 -5.34 2.72
CA VAL A 190 24.27 -4.66 2.61
C VAL A 190 23.12 -5.69 2.51
N ALA A 191 21.88 -5.24 2.71
CA ALA A 191 20.72 -6.14 2.60
C ALA A 191 19.84 -5.74 1.40
N ASP A 192 18.69 -5.14 1.64
CA ASP A 192 17.77 -4.80 0.57
C ASP A 192 18.35 -3.83 -0.49
N GLU A 193 19.15 -2.86 -0.04
CA GLU A 193 19.76 -1.85 -0.95
C GLU A 193 20.75 -2.43 -2.01
N MET A 194 21.10 -3.69 -1.85
CA MET A 194 21.97 -4.35 -2.81
C MET A 194 21.43 -4.25 -4.23
N LYS A 195 20.10 -4.33 -4.37
CA LYS A 195 19.48 -4.32 -5.69
C LYS A 195 19.88 -3.11 -6.54
N GLY A 196 19.94 -1.92 -5.95
CA GLY A 196 20.30 -0.71 -6.70
C GLY A 196 21.69 -0.81 -7.27
N TYR A 197 22.63 -1.26 -6.45
CA TYR A 197 24.01 -1.41 -6.92
C TYR A 197 24.12 -2.41 -8.09
N MET A 198 23.34 -3.49 -8.07
CA MET A 198 23.37 -4.48 -9.16
C MET A 198 22.65 -3.96 -10.41
N ILE A 199 21.47 -3.41 -10.21
CA ILE A 199 20.66 -2.91 -11.33
C ILE A 199 21.35 -1.79 -12.11
N GLN A 200 22.04 -0.91 -11.39
N GLN A 200 22.02 -0.89 -11.39
CA GLN A 200 22.73 0.23 -12.00
CA GLN A 200 22.72 0.25 -12.01
C GLN A 200 24.10 -0.09 -12.56
C GLN A 200 24.16 -0.07 -12.42
N ASN A 201 24.50 -1.36 -12.49
CA ASN A 201 25.83 -1.80 -12.97
C ASN A 201 27.02 -1.26 -12.20
N ASN A 202 26.82 -1.03 -10.90
CA ASN A 202 27.86 -0.47 -10.03
C ASN A 202 28.74 -1.51 -9.36
N VAL A 203 28.28 -2.77 -9.34
CA VAL A 203 29.07 -3.87 -8.77
C VAL A 203 28.79 -5.18 -9.56
N ALA A 204 29.83 -6.02 -9.66
CA ALA A 204 29.78 -7.24 -10.47
C ALA A 204 29.02 -8.42 -9.88
N ILE A 205 29.11 -8.58 -8.56
CA ILE A 205 28.56 -9.75 -7.90
C ILE A 205 27.89 -9.39 -6.60
N GLY A 206 26.80 -10.07 -6.31
CA GLY A 206 26.10 -9.92 -5.06
C GLY A 206 25.63 -11.26 -4.54
N VAL A 207 25.75 -11.49 -3.22
CA VAL A 207 25.21 -12.69 -2.62
C VAL A 207 23.89 -12.35 -1.98
N THR A 208 22.80 -12.92 -2.50
CA THR A 208 21.48 -12.65 -1.97
C THR A 208 20.53 -13.78 -2.33
N PHE A 209 19.28 -13.62 -1.87
CA PHE A 209 18.26 -14.62 -2.08
C PHE A 209 17.61 -14.58 -3.45
N SER A 210 17.05 -15.73 -3.85
CA SER A 210 16.53 -15.89 -5.21
C SER A 210 15.34 -15.02 -5.55
N GLY A 211 14.52 -14.66 -4.57
CA GLY A 211 13.40 -13.75 -4.86
C GLY A 211 13.91 -12.33 -5.17
N GLU A 212 14.84 -11.86 -4.34
CA GLU A 212 15.50 -10.60 -4.57
C GLU A 212 16.18 -10.63 -5.95
N ALA A 213 16.87 -11.72 -6.23
CA ALA A 213 17.56 -11.87 -7.49
C ALA A 213 16.58 -11.81 -8.68
N SER A 214 15.47 -12.52 -8.56
N SER A 214 15.46 -12.51 -8.60
CA SER A 214 14.46 -12.54 -9.60
CA SER A 214 14.54 -12.50 -9.72
C SER A 214 14.05 -11.11 -9.94
C SER A 214 14.04 -11.08 -9.97
N GLN A 215 13.80 -10.29 -8.91
CA GLN A 215 13.35 -8.90 -9.09
C GLN A 215 14.43 -8.04 -9.78
N MET A 216 15.71 -8.29 -9.45
CA MET A 216 16.84 -7.55 -10.03
C MET A 216 16.99 -7.88 -11.50
N LEU A 217 16.90 -9.17 -11.79
CA LEU A 217 17.04 -9.67 -13.16
C LEU A 217 15.98 -9.07 -14.08
N GLU A 218 14.78 -8.79 -13.56
CA GLU A 218 13.70 -8.20 -14.38
C GLU A 218 14.08 -6.78 -14.83
N LYS A 219 14.93 -6.13 -14.06
CA LYS A 219 15.31 -4.74 -14.29
C LYS A 219 16.66 -4.54 -14.96
N ASN A 220 17.42 -5.60 -15.15
CA ASN A 220 18.72 -5.51 -15.82
C ASN A 220 19.01 -6.84 -16.53
N GLU A 221 18.93 -6.80 -17.85
CA GLU A 221 19.13 -7.98 -18.72
C GLU A 221 20.51 -8.59 -18.63
N ASN A 222 21.46 -7.89 -18.06
CA ASN A 222 22.81 -8.41 -17.94
C ASN A 222 23.07 -9.21 -16.69
N LEU A 223 22.11 -9.25 -15.77
CA LEU A 223 22.28 -9.99 -14.53
C LEU A 223 21.85 -11.45 -14.71
N ARG A 224 22.52 -12.32 -13.95
CA ARG A 224 22.26 -13.75 -13.91
C ARG A 224 22.29 -14.18 -12.44
N TYR A 225 21.69 -15.33 -12.17
CA TYR A 225 21.67 -15.90 -10.82
C TYR A 225 22.07 -17.36 -10.88
N VAL A 226 22.88 -17.79 -9.91
CA VAL A 226 23.25 -19.18 -9.79
C VAL A 226 23.21 -19.64 -8.33
N VAL A 227 22.77 -20.87 -8.16
N VAL A 227 22.68 -20.83 -8.08
CA VAL A 227 22.78 -21.54 -6.88
CA VAL A 227 22.76 -21.38 -6.71
C VAL A 227 23.97 -22.51 -6.87
C VAL A 227 23.82 -22.50 -6.69
N PRO A 228 24.93 -22.30 -5.92
CA PRO A 228 26.03 -23.30 -5.85
C PRO A 228 25.48 -24.71 -5.64
N THR A 229 25.89 -25.62 -6.50
CA THR A 229 25.37 -26.98 -6.46
C THR A 229 25.81 -27.76 -5.23
N GLU A 230 26.93 -27.36 -4.63
CA GLU A 230 27.47 -28.12 -3.52
C GLU A 230 26.66 -28.02 -2.23
N ALA A 231 26.04 -26.86 -2.03
CA ALA A 231 25.27 -26.55 -0.82
C ALA A 231 24.85 -25.11 -0.84
N SER A 232 23.65 -24.87 -0.33
CA SER A 232 23.17 -23.53 -0.10
C SER A 232 21.98 -23.57 0.85
N ASN A 233 21.42 -22.40 1.12
CA ASN A 233 20.22 -22.25 1.92
C ASN A 233 18.95 -22.39 1.10
N LEU A 234 17.93 -22.96 1.74
CA LEU A 234 16.58 -23.16 1.22
C LEU A 234 15.63 -22.33 2.10
N TRP A 235 14.77 -21.53 1.48
CA TRP A 235 13.77 -20.71 2.18
C TRP A 235 12.38 -21.01 1.62
N PHE A 236 11.38 -20.76 2.47
CA PHE A 236 9.99 -20.92 2.12
C PHE A 236 9.15 -19.81 2.70
N ASP A 237 8.17 -19.35 1.91
CA ASP A 237 7.03 -18.56 2.43
C ASP A 237 5.84 -19.52 2.30
N ASN A 238 4.98 -19.58 3.33
CA ASN A 238 3.97 -20.64 3.47
C ASN A 238 2.68 -20.10 3.93
N MET A 239 1.60 -20.75 3.49
CA MET A 239 0.26 -20.43 3.98
C MET A 239 0.02 -21.09 5.35
N VAL A 240 -0.49 -20.28 6.29
CA VAL A 240 -0.89 -20.76 7.62
C VAL A 240 -2.26 -20.15 7.98
N ILE A 241 -2.91 -20.74 8.99
CA ILE A 241 -4.16 -20.24 9.57
C ILE A 241 -3.85 -19.78 10.98
N PRO A 242 -3.78 -18.46 11.21
CA PRO A 242 -3.52 -17.99 12.57
C PRO A 242 -4.68 -18.35 13.52
N LYS A 243 -4.36 -18.52 14.81
CA LYS A 243 -5.38 -18.84 15.78
C LYS A 243 -6.50 -17.80 15.92
N THR A 244 -6.26 -16.56 15.49
CA THR A 244 -7.31 -15.54 15.51
C THR A 244 -8.32 -15.70 14.38
N VAL A 245 -8.17 -16.75 13.59
CA VAL A 245 -9.09 -16.99 12.49
C VAL A 245 -10.56 -16.91 12.92
N LYS A 246 -11.38 -16.22 12.13
CA LYS A 246 -12.82 -16.16 12.31
C LYS A 246 -13.61 -16.80 11.18
N ASN A 247 -12.96 -16.99 10.02
CA ASN A 247 -13.61 -17.55 8.84
C ASN A 247 -12.84 -18.80 8.36
N GLN A 248 -12.93 -19.87 9.12
CA GLN A 248 -12.17 -21.08 8.84
C GLN A 248 -12.56 -21.73 7.51
N ASP A 249 -13.84 -21.81 7.19
CA ASP A 249 -14.29 -22.40 5.93
C ASP A 249 -13.61 -21.60 4.80
N SER A 250 -13.59 -20.28 4.94
CA SER A 250 -13.02 -19.44 3.89
C SER A 250 -11.50 -19.69 3.76
N ALA A 251 -10.81 -19.85 4.88
CA ALA A 251 -9.39 -20.11 4.85
C ALA A 251 -9.07 -21.38 4.08
N TYR A 252 -9.80 -22.46 4.37
CA TYR A 252 -9.58 -23.69 3.62
C TYR A 252 -9.93 -23.53 2.16
N ALA A 253 -11.00 -22.80 1.87
CA ALA A 253 -11.32 -22.54 0.45
C ALA A 253 -10.17 -21.85 -0.28
N PHE A 254 -9.50 -20.92 0.39
CA PHE A 254 -8.41 -20.18 -0.23
C PHE A 254 -7.20 -21.06 -0.44
N ILE A 255 -6.85 -21.85 0.58
CA ILE A 255 -5.76 -22.82 0.46
C ILE A 255 -6.03 -23.72 -0.75
N ASN A 256 -7.23 -24.26 -0.86
CA ASN A 256 -7.57 -25.16 -1.93
C ASN A 256 -7.48 -24.46 -3.31
N PHE A 257 -7.94 -23.23 -3.35
CA PHE A 257 -7.86 -22.41 -4.58
C PHE A 257 -6.40 -22.25 -5.02
N MET A 258 -5.52 -21.94 -4.07
CA MET A 258 -4.09 -21.72 -4.38
C MET A 258 -3.31 -22.99 -4.64
N LEU A 259 -3.88 -24.15 -4.28
CA LEU A 259 -3.27 -25.43 -4.61
C LEU A 259 -3.63 -25.90 -6.02
N LYS A 260 -4.66 -25.32 -6.64
CA LYS A 260 -5.01 -25.68 -8.02
C LYS A 260 -3.87 -25.29 -8.92
N PRO A 261 -3.34 -26.23 -9.70
CA PRO A 261 -2.19 -25.87 -10.53
C PRO A 261 -2.34 -24.62 -11.41
N GLU A 262 -3.52 -24.39 -11.99
CA GLU A 262 -3.69 -23.21 -12.84
C GLU A 262 -3.52 -21.92 -12.06
N ASN A 263 -3.88 -21.93 -10.79
CA ASN A 263 -3.75 -20.73 -9.92
C ASN A 263 -2.33 -20.57 -9.46
N ALA A 264 -1.68 -21.65 -9.01
CA ALA A 264 -0.26 -21.61 -8.68
C ALA A 264 0.57 -21.15 -9.89
N LEU A 265 0.23 -21.67 -11.07
CA LEU A 265 0.92 -21.26 -12.31
C LEU A 265 0.77 -19.78 -12.58
N GLN A 266 -0.45 -19.28 -12.56
CA GLN A 266 -0.69 -17.85 -12.79
C GLN A 266 0.04 -17.00 -11.77
N ASN A 267 0.05 -17.44 -10.51
CA ASN A 267 0.73 -16.69 -9.46
C ASN A 267 2.23 -16.65 -9.72
N ALA A 268 2.82 -17.80 -10.08
CA ALA A 268 4.26 -17.84 -10.34
C ALA A 268 4.66 -16.97 -11.50
N GLU A 269 3.84 -16.93 -12.52
CA GLU A 269 4.12 -16.07 -13.69
C GLU A 269 4.07 -14.60 -13.31
N TYR A 270 3.14 -14.24 -12.44
CA TYR A 270 2.99 -12.85 -12.01
C TYR A 270 4.10 -12.36 -11.07
N VAL A 271 4.31 -13.10 -9.99
CA VAL A 271 5.33 -12.74 -9.00
C VAL A 271 6.74 -13.03 -9.51
N GLY A 272 6.88 -14.08 -10.30
CA GLY A 272 8.15 -14.48 -10.87
C GLY A 272 9.05 -15.34 -10.01
N TYR A 273 8.50 -15.91 -8.94
CA TYR A 273 9.24 -16.75 -8.04
C TYR A 273 8.93 -18.23 -8.32
N SER A 274 9.73 -19.09 -7.70
CA SER A 274 9.67 -20.55 -7.92
C SER A 274 8.49 -21.17 -7.25
N THR A 275 7.69 -21.86 -8.06
CA THR A 275 6.52 -22.54 -7.51
C THR A 275 6.91 -23.91 -6.91
N PRO A 276 6.27 -24.29 -5.79
CA PRO A 276 6.43 -25.62 -5.23
C PRO A 276 5.39 -26.61 -5.79
N ASN A 277 4.52 -26.13 -6.68
CA ASN A 277 3.43 -26.92 -7.28
C ASN A 277 4.00 -27.58 -8.53
N LEU A 278 4.22 -28.89 -8.47
CA LEU A 278 4.88 -29.58 -9.58
C LEU A 278 4.06 -29.65 -10.87
N PRO A 279 2.75 -29.89 -10.79
CA PRO A 279 1.99 -29.86 -12.04
C PRO A 279 2.01 -28.47 -12.65
N ALA A 280 1.95 -27.41 -11.83
CA ALA A 280 2.03 -26.04 -12.37
C ALA A 280 3.35 -25.82 -13.09
N LYS A 281 4.45 -26.25 -12.49
CA LYS A 281 5.77 -26.06 -13.09
C LYS A 281 5.78 -26.62 -14.52
N GLU A 282 5.17 -27.77 -14.77
CA GLU A 282 5.18 -28.39 -16.09
C GLU A 282 4.48 -27.56 -17.17
N LEU A 283 3.61 -26.66 -16.76
CA LEU A 283 2.82 -25.81 -17.67
C LEU A 283 3.38 -24.40 -17.87
N LEU A 284 4.53 -24.10 -17.24
CA LEU A 284 5.23 -22.82 -17.41
C LEU A 284 5.87 -22.70 -18.79
N PRO A 285 6.19 -21.46 -19.22
CA PRO A 285 7.00 -21.33 -20.42
C PRO A 285 8.33 -22.07 -20.27
N GLU A 286 8.78 -22.67 -21.36
CA GLU A 286 10.00 -23.47 -21.41
C GLU A 286 11.19 -22.74 -20.77
N GLU A 287 11.38 -21.49 -21.17
CA GLU A 287 12.53 -20.72 -20.66
C GLU A 287 12.50 -20.58 -19.15
N THR A 288 11.31 -20.52 -18.58
CA THR A 288 11.20 -20.37 -17.14
C THR A 288 11.43 -21.69 -16.43
N LYS A 289 10.76 -22.72 -16.94
N LYS A 289 10.73 -22.74 -16.82
CA LYS A 289 10.81 -24.05 -16.31
CA LYS A 289 10.89 -23.99 -16.07
C LYS A 289 12.21 -24.65 -16.31
C LYS A 289 12.26 -24.67 -16.27
N GLU A 290 12.95 -24.39 -17.38
CA GLU A 290 14.27 -24.98 -17.59
C GLU A 290 15.39 -24.17 -17.00
N ASP A 291 15.08 -23.02 -16.40
CA ASP A 291 16.12 -22.15 -15.85
C ASP A 291 16.61 -22.71 -14.52
N LYS A 292 17.83 -23.23 -14.52
CA LYS A 292 18.40 -23.79 -13.34
C LYS A 292 18.69 -22.70 -12.28
N ALA A 293 18.74 -21.42 -12.65
CA ALA A 293 18.82 -20.37 -11.64
C ALA A 293 17.70 -20.49 -10.58
N PHE A 294 16.50 -20.89 -11.01
CA PHE A 294 15.32 -20.88 -10.16
C PHE A 294 14.61 -22.22 -9.98
N TYR A 295 14.89 -23.17 -10.87
CA TYR A 295 14.44 -24.56 -10.76
C TYR A 295 15.70 -25.44 -10.91
N PRO A 296 16.58 -25.36 -9.91
CA PRO A 296 17.83 -26.09 -9.92
C PRO A 296 17.62 -27.59 -9.98
N ASP A 297 18.69 -28.30 -10.35
CA ASP A 297 18.59 -29.76 -10.50
C ASP A 297 18.41 -30.55 -9.18
N VAL A 298 18.10 -31.84 -9.31
CA VAL A 298 17.83 -32.72 -8.13
C VAL A 298 19.01 -32.77 -7.15
N GLU A 299 20.23 -32.85 -7.65
CA GLU A 299 21.38 -32.90 -6.73
C GLU A 299 21.58 -31.60 -5.99
N THR A 300 21.36 -30.47 -6.67
CA THR A 300 21.48 -29.18 -6.02
C THR A 300 20.42 -29.10 -4.93
N MET A 301 19.20 -29.54 -5.25
N MET A 301 19.20 -29.54 -5.25
CA MET A 301 18.11 -29.50 -4.26
CA MET A 301 18.09 -29.51 -4.31
C MET A 301 18.47 -30.31 -3.03
C MET A 301 18.42 -30.32 -3.05
N LYS A 302 18.99 -31.51 -3.25
CA LYS A 302 19.36 -32.41 -2.14
C LYS A 302 20.38 -31.77 -1.20
N HIS A 303 21.25 -30.93 -1.76
CA HIS A 303 22.30 -30.32 -0.97
C HIS A 303 21.88 -29.05 -0.24
N LEU A 304 20.66 -28.60 -0.46
CA LEU A 304 20.16 -27.40 0.22
C LEU A 304 19.83 -27.73 1.65
N GLU A 305 19.89 -26.71 2.52
CA GLU A 305 19.53 -26.84 3.95
C GLU A 305 18.79 -25.61 4.41
N VAL A 306 17.71 -25.82 5.13
CA VAL A 306 16.96 -24.78 5.79
C VAL A 306 17.75 -24.36 7.03
N TYR A 307 17.72 -23.09 7.42
CA TYR A 307 18.40 -22.68 8.65
C TYR A 307 17.67 -23.26 9.85
N GLU A 308 18.45 -23.85 10.75
N GLU A 308 18.42 -23.90 10.75
CA GLU A 308 17.97 -24.41 11.99
CA GLU A 308 17.84 -24.42 11.97
C GLU A 308 17.68 -23.28 12.98
C GLU A 308 17.65 -23.28 12.95
N LYS A 309 16.69 -23.45 13.84
CA LYS A 309 16.43 -22.50 14.89
C LYS A 309 17.46 -22.80 15.96
N PHE A 310 18.32 -21.84 16.23
CA PHE A 310 19.32 -21.97 17.26
C PHE A 310 18.79 -21.41 18.58
N ASP A 311 19.31 -21.94 19.69
CA ASP A 311 18.96 -21.45 21.00
C ASP A 311 19.66 -20.10 21.23
N HIS A 312 19.54 -19.52 22.43
CA HIS A 312 20.17 -18.23 22.72
C HIS A 312 21.68 -18.28 22.54
N LYS A 313 22.29 -19.38 23.00
CA LYS A 313 23.74 -19.57 22.93
C LYS A 313 24.26 -19.55 21.53
N TRP A 314 23.72 -20.41 20.68
CA TRP A 314 24.22 -20.49 19.31
C TRP A 314 23.83 -19.30 18.42
N THR A 315 22.69 -18.67 18.67
CA THR A 315 22.30 -17.43 17.99
C THR A 315 23.39 -16.38 18.30
N GLY A 316 23.74 -16.29 19.58
CA GLY A 316 24.78 -15.37 20.05
C GLY A 316 26.15 -15.67 19.48
N LYS A 317 26.51 -16.95 19.43
CA LYS A 317 27.80 -17.34 18.90
C LYS A 317 27.92 -16.92 17.43
N TYR A 318 26.89 -17.19 16.63
CA TYR A 318 26.94 -16.78 15.24
C TYR A 318 26.95 -15.25 15.10
N SER A 319 26.15 -14.57 15.92
N SER A 319 26.16 -14.57 15.92
CA SER A 319 26.15 -13.12 15.87
CA SER A 319 26.13 -13.11 15.88
C SER A 319 27.53 -12.56 16.20
C SER A 319 27.50 -12.53 16.22
N ASP A 320 28.14 -13.07 17.25
CA ASP A 320 29.47 -12.60 17.64
C ASP A 320 30.50 -12.84 16.57
N LEU A 321 30.44 -14.01 15.93
CA LEU A 321 31.39 -14.34 14.86
C LEU A 321 31.25 -13.39 13.66
N PHE A 322 30.03 -13.02 13.32
CA PHE A 322 29.81 -12.10 12.23
C PHE A 322 30.33 -10.70 12.59
N LEU A 323 30.20 -10.31 13.86
CA LEU A 323 30.77 -9.03 14.29
C LEU A 323 32.30 -9.09 14.18
N GLN A 324 32.90 -10.23 14.53
CA GLN A 324 34.35 -10.39 14.37
C GLN A 324 34.77 -10.14 12.93
N PHE A 325 34.00 -10.69 12.00
CA PHE A 325 34.26 -10.52 10.59
C PHE A 325 34.15 -9.06 10.19
N LYS A 326 33.08 -8.38 10.63
CA LYS A 326 32.91 -6.95 10.32
C LYS A 326 34.08 -6.10 10.89
N MET A 327 34.58 -6.43 12.07
N MET A 327 34.57 -6.45 12.07
CA MET A 327 35.72 -5.71 12.64
CA MET A 327 35.68 -5.71 12.68
C MET A 327 36.93 -5.81 11.74
C MET A 327 36.97 -5.84 11.85
N TYR A 328 37.19 -7.01 11.24
CA TYR A 328 38.35 -7.23 10.37
C TYR A 328 38.23 -6.46 9.05
N ARG A 329 37.00 -6.20 8.62
CA ARG A 329 36.79 -5.40 7.39
C ARG A 329 37.13 -3.93 7.55
N LYS A 330 37.27 -3.47 8.79
CA LYS A 330 37.66 -2.07 9.05
C LYS A 330 39.16 -1.85 8.83
N SER B 8 22.08 8.41 -7.64
CA SER B 8 21.23 8.73 -6.44
C SER B 8 19.89 9.42 -6.79
N GLN B 9 18.83 8.63 -6.99
CA GLN B 9 17.54 9.16 -7.42
C GLN B 9 16.71 9.65 -6.24
N LYS B 10 15.93 10.71 -6.48
CA LYS B 10 15.14 11.31 -5.44
C LYS B 10 13.85 11.87 -6.01
N LEU B 11 12.98 12.23 -5.08
CA LEU B 11 11.63 12.74 -5.36
C LEU B 11 11.29 13.77 -4.29
N VAL B 12 10.80 14.94 -4.71
CA VAL B 12 10.29 15.97 -3.80
C VAL B 12 8.76 15.96 -3.92
N ILE B 13 8.09 15.58 -2.84
CA ILE B 13 6.62 15.56 -2.76
C ILE B 13 6.11 16.73 -1.93
N TYR B 14 5.10 17.43 -2.43
CA TYR B 14 4.50 18.57 -1.70
C TYR B 14 3.03 18.17 -1.49
N ASN B 15 2.67 17.92 -0.24
CA ASN B 15 1.34 17.42 0.09
C ASN B 15 0.76 18.09 1.33
N TRP B 16 -0.56 17.95 1.48
CA TRP B 16 -1.23 18.35 2.70
C TRP B 16 -0.62 17.60 3.90
N GLY B 17 -0.61 18.22 5.06
CA GLY B 17 -0.16 17.49 6.26
C GLY B 17 -1.08 16.32 6.62
N ASP B 18 -0.48 15.27 7.16
CA ASP B 18 -1.21 14.08 7.63
C ASP B 18 -2.10 13.49 6.56
N TYR B 19 -1.53 13.33 5.37
CA TYR B 19 -2.34 12.94 4.20
C TYR B 19 -1.70 11.85 3.34
N ILE B 20 -0.91 11.02 4.00
CA ILE B 20 -0.37 9.79 3.41
C ILE B 20 0.03 8.88 4.55
N ASP B 21 -0.05 7.57 4.35
CA ASP B 21 0.55 6.63 5.30
C ASP B 21 2.06 6.76 5.15
N PRO B 22 2.77 7.20 6.21
CA PRO B 22 4.21 7.37 6.01
C PRO B 22 4.91 6.08 5.66
N GLU B 23 4.35 4.93 6.03
CA GLU B 23 4.99 3.66 5.70
C GLU B 23 5.04 3.46 4.16
N LEU B 24 4.11 4.06 3.44
CA LEU B 24 4.14 3.95 1.98
C LEU B 24 5.36 4.67 1.39
N LEU B 25 5.79 5.77 2.02
CA LEU B 25 7.00 6.44 1.56
C LEU B 25 8.21 5.52 1.74
N THR B 26 8.28 4.84 2.88
CA THR B 26 9.34 3.92 3.18
C THR B 26 9.31 2.76 2.17
N GLN B 27 8.13 2.22 1.91
CA GLN B 27 7.99 1.17 0.92
C GLN B 27 8.44 1.62 -0.46
N PHE B 28 8.02 2.80 -0.85
CA PHE B 28 8.40 3.35 -2.16
C PHE B 28 9.91 3.43 -2.31
N THR B 29 10.59 3.98 -1.30
CA THR B 29 12.04 4.12 -1.33
C THR B 29 12.74 2.76 -1.33
N GLU B 30 12.22 1.84 -0.53
CA GLU B 30 12.82 0.49 -0.48
C GLU B 30 12.68 -0.25 -1.81
N GLU B 31 11.51 -0.11 -2.41
N GLU B 31 11.49 -0.15 -2.41
CA GLU B 31 11.20 -0.85 -3.62
CA GLU B 31 11.20 -0.82 -3.69
C GLU B 31 11.85 -0.26 -4.89
C GLU B 31 12.01 -0.26 -4.85
N THR B 32 12.00 1.07 -4.94
CA THR B 32 12.59 1.75 -6.09
C THR B 32 13.99 2.34 -5.95
N GLY B 33 14.46 2.48 -4.71
CA GLY B 33 15.72 3.14 -4.44
C GLY B 33 15.59 4.67 -4.46
N ILE B 34 14.38 5.19 -4.72
CA ILE B 34 14.18 6.63 -4.82
C ILE B 34 13.92 7.23 -3.45
N GLN B 35 14.83 8.11 -3.00
CA GLN B 35 14.65 8.79 -1.72
C GLN B 35 13.58 9.86 -1.84
N VAL B 36 12.85 10.10 -0.75
CA VAL B 36 11.81 11.06 -0.69
C VAL B 36 12.18 12.25 0.19
N GLN B 37 12.07 13.45 -0.36
CA GLN B 37 12.19 14.72 0.38
C GLN B 37 10.74 15.17 0.50
N TYR B 38 10.20 15.19 1.71
CA TYR B 38 8.77 15.43 1.91
C TYR B 38 8.52 16.82 2.42
N GLU B 39 7.62 17.54 1.78
CA GLU B 39 7.26 18.93 2.12
C GLU B 39 5.74 18.97 2.32
N THR B 40 5.27 19.71 3.30
CA THR B 40 3.85 19.82 3.55
C THR B 40 3.36 21.26 3.46
N PHE B 41 2.10 21.37 3.12
CA PHE B 41 1.34 22.62 3.18
C PHE B 41 -0.01 22.33 3.86
N ASP B 42 -0.71 23.36 4.38
CA ASP B 42 -2.00 23.08 5.00
C ASP B 42 -3.14 23.96 4.50
N SER B 43 -2.87 24.71 3.43
CA SER B 43 -3.92 25.44 2.75
C SER B 43 -3.63 25.52 1.27
N ASN B 44 -4.70 25.70 0.51
CA ASN B 44 -4.62 25.88 -0.92
C ASN B 44 -3.71 27.08 -1.26
N GLU B 45 -3.93 28.16 -0.54
CA GLU B 45 -3.21 29.43 -0.76
C GLU B 45 -1.68 29.30 -0.59
N ALA B 46 -1.26 28.65 0.50
CA ALA B 46 0.18 28.48 0.80
C ALA B 46 0.92 27.68 -0.27
N MET B 47 0.29 26.60 -0.72
CA MET B 47 0.89 25.77 -1.73
C MET B 47 1.13 26.53 -3.06
N TYR B 48 0.11 27.25 -3.49
CA TYR B 48 0.18 27.99 -4.72
C TYR B 48 1.34 28.98 -4.73
N THR B 49 1.46 29.74 -3.67
CA THR B 49 2.51 30.77 -3.58
C THR B 49 3.91 30.17 -3.72
N LYS B 50 4.17 29.05 -3.05
CA LYS B 50 5.51 28.42 -3.10
C LYS B 50 5.88 27.82 -4.44
N ILE B 51 4.89 27.33 -5.17
CA ILE B 51 5.12 26.76 -6.50
C ILE B 51 5.37 27.86 -7.51
N LYS B 52 4.53 28.89 -7.44
CA LYS B 52 4.59 30.04 -8.35
C LYS B 52 5.91 30.81 -8.14
N GLN B 53 6.37 30.89 -6.90
CA GLN B 53 7.62 31.60 -6.58
C GLN B 53 8.79 30.96 -7.33
N GLY B 54 8.68 29.65 -7.60
CA GLY B 54 9.66 28.94 -8.43
C GLY B 54 10.99 28.54 -7.85
N GLY B 55 11.40 29.16 -6.75
CA GLY B 55 12.69 28.86 -6.14
C GLY B 55 12.80 27.52 -5.43
N THR B 56 11.71 26.73 -5.39
CA THR B 56 11.72 25.44 -4.71
C THR B 56 11.29 24.28 -5.64
N THR B 57 12.11 23.25 -5.74
CA THR B 57 11.78 22.13 -6.62
C THR B 57 10.69 21.28 -5.99
N TYR B 58 9.62 21.02 -6.74
CA TYR B 58 8.55 20.08 -6.33
C TYR B 58 8.27 19.20 -7.56
N ASP B 59 8.33 17.88 -7.37
CA ASP B 59 8.10 16.91 -8.44
C ASP B 59 6.67 16.41 -8.50
N ILE B 60 6.06 16.25 -7.34
CA ILE B 60 4.66 15.85 -7.23
C ILE B 60 4.00 16.79 -6.24
N ALA B 61 2.79 17.29 -6.54
CA ALA B 61 2.00 18.04 -5.57
C ALA B 61 0.60 17.43 -5.58
N ILE B 62 -0.15 17.61 -4.49
CA ILE B 62 -1.49 17.03 -4.38
C ILE B 62 -2.54 18.12 -4.06
N PRO B 63 -2.82 18.96 -5.05
CA PRO B 63 -3.78 20.04 -4.87
C PRO B 63 -5.26 19.63 -4.94
N SER B 64 -6.10 20.50 -4.39
N SER B 64 -6.10 20.52 -4.42
CA SER B 64 -7.54 20.39 -4.47
CA SER B 64 -7.54 20.38 -4.53
C SER B 64 -8.00 20.72 -5.90
C SER B 64 -7.98 20.65 -5.94
N GLU B 65 -9.22 20.28 -6.23
CA GLU B 65 -9.80 20.53 -7.55
C GLU B 65 -9.80 22.02 -7.92
N TYR B 66 -10.10 22.86 -6.93
CA TYR B 66 -10.09 24.32 -7.04
C TYR B 66 -8.74 24.79 -7.60
N MET B 67 -7.66 24.35 -6.96
N MET B 67 -7.68 24.33 -6.96
CA MET B 67 -6.29 24.75 -7.35
CA MET B 67 -6.30 24.73 -7.32
C MET B 67 -5.80 24.14 -8.66
C MET B 67 -5.79 24.14 -8.64
N ILE B 68 -6.28 22.95 -9.01
CA ILE B 68 -5.91 22.36 -10.31
C ILE B 68 -6.43 23.26 -11.43
N ASN B 69 -7.69 23.66 -11.31
N ASN B 69 -7.67 23.69 -11.32
CA ASN B 69 -8.32 24.61 -12.23
CA ASN B 69 -8.24 24.55 -12.35
C ASN B 69 -7.40 25.83 -12.42
C ASN B 69 -7.44 25.88 -12.43
N LYS B 70 -7.09 26.46 -11.28
CA LYS B 70 -6.29 27.69 -11.27
C LYS B 70 -4.90 27.51 -11.86
N MET B 71 -4.18 26.49 -11.38
CA MET B 71 -2.83 26.26 -11.85
C MET B 71 -2.70 25.87 -13.33
N LYS B 72 -3.66 25.11 -13.88
CA LYS B 72 -3.61 24.74 -15.30
C LYS B 72 -3.85 25.96 -16.21
N ASP B 73 -4.70 26.86 -15.76
CA ASP B 73 -4.98 28.11 -16.51
C ASP B 73 -3.75 29.01 -16.53
N GLU B 74 -2.90 28.88 -15.50
CA GLU B 74 -1.66 29.67 -15.40
C GLU B 74 -0.43 28.93 -15.92
N ASP B 75 -0.65 27.79 -16.56
CA ASP B 75 0.43 26.98 -17.17
C ASP B 75 1.50 26.56 -16.18
N LEU B 76 1.06 26.19 -14.97
CA LEU B 76 1.96 25.75 -13.92
C LEU B 76 2.09 24.24 -13.76
N LEU B 77 1.37 23.46 -14.58
CA LEU B 77 1.37 22.01 -14.48
C LEU B 77 1.84 21.37 -15.76
N VAL B 78 2.62 20.29 -15.63
CA VAL B 78 3.13 19.53 -16.76
C VAL B 78 2.00 18.57 -17.23
N PRO B 79 1.69 18.56 -18.54
CA PRO B 79 0.66 17.63 -18.99
C PRO B 79 1.19 16.21 -18.79
N LEU B 80 0.37 15.31 -18.26
CA LEU B 80 0.84 13.97 -17.91
C LEU B 80 1.06 13.12 -19.15
N ASP B 81 2.23 12.49 -19.19
CA ASP B 81 2.58 11.60 -20.28
C ASP B 81 2.04 10.22 -19.91
N TYR B 82 0.89 9.87 -20.48
CA TYR B 82 0.27 8.60 -20.16
C TYR B 82 1.04 7.37 -20.65
N SER B 83 2.00 7.55 -21.56
CA SER B 83 2.83 6.41 -21.99
C SER B 83 3.73 5.95 -20.82
N LYS B 84 3.87 6.78 -19.79
CA LYS B 84 4.73 6.49 -18.65
C LYS B 84 3.93 6.13 -17.40
N ILE B 85 2.61 6.13 -17.53
CA ILE B 85 1.73 5.84 -16.42
C ILE B 85 1.18 4.43 -16.55
N GLU B 86 1.19 3.70 -15.41
CA GLU B 86 0.69 2.35 -15.34
C GLU B 86 -0.41 2.27 -14.31
N GLY B 87 -1.53 1.67 -14.66
CA GLY B 87 -2.64 1.51 -13.72
C GLY B 87 -3.77 2.54 -13.70
N ILE B 88 -3.85 3.41 -14.72
CA ILE B 88 -4.93 4.41 -14.74
C ILE B 88 -6.29 3.69 -14.80
N GLU B 89 -6.31 2.47 -15.34
CA GLU B 89 -7.55 1.68 -15.40
C GLU B 89 -8.12 1.38 -14.00
N ASN B 90 -7.30 1.55 -12.95
CA ASN B 90 -7.75 1.26 -11.61
C ASN B 90 -8.60 2.38 -11.00
N ILE B 91 -8.58 3.54 -11.63
CA ILE B 91 -9.37 4.67 -11.15
C ILE B 91 -10.78 4.55 -11.74
N GLY B 92 -11.80 4.64 -10.88
CA GLY B 92 -13.19 4.52 -11.33
C GLY B 92 -13.57 5.62 -12.30
N PRO B 93 -14.38 5.29 -13.31
CA PRO B 93 -14.77 6.30 -14.29
C PRO B 93 -15.53 7.50 -13.69
N GLU B 94 -16.20 7.29 -12.55
CA GLU B 94 -16.95 8.36 -11.90
C GLU B 94 -16.04 9.42 -11.26
N PHE B 95 -14.75 9.12 -11.21
CA PHE B 95 -13.79 10.03 -10.63
C PHE B 95 -12.90 10.69 -11.66
N LEU B 96 -13.16 10.40 -12.94
CA LEU B 96 -12.37 10.92 -14.05
C LEU B 96 -13.17 11.83 -14.94
N ASN B 97 -12.46 12.57 -15.79
CA ASN B 97 -13.07 13.49 -16.76
C ASN B 97 -14.07 14.44 -16.10
N GLN B 98 -13.60 15.13 -15.06
CA GLN B 98 -14.38 16.09 -14.29
C GLN B 98 -14.14 17.50 -14.83
N SER B 99 -15.02 18.41 -14.43
CA SER B 99 -14.98 19.78 -14.91
C SER B 99 -13.66 20.52 -14.72
N PHE B 100 -12.97 20.25 -13.62
CA PHE B 100 -11.73 20.95 -13.32
C PHE B 100 -10.51 20.42 -14.11
N ASP B 101 -10.62 19.25 -14.73
CA ASP B 101 -9.52 18.66 -15.51
C ASP B 101 -10.04 17.63 -16.51
N PRO B 102 -10.77 18.12 -17.52
CA PRO B 102 -11.32 17.25 -18.55
C PRO B 102 -10.25 16.32 -19.16
N GLY B 103 -10.59 15.05 -19.32
CA GLY B 103 -9.66 14.03 -19.84
C GLY B 103 -8.45 13.76 -18.96
N ASN B 104 -8.50 14.25 -17.73
CA ASN B 104 -7.38 14.11 -16.79
C ASN B 104 -6.04 14.41 -17.46
N LYS B 105 -6.00 15.52 -18.18
CA LYS B 105 -4.78 15.91 -18.84
C LYS B 105 -3.63 16.24 -17.87
N PHE B 106 -3.97 16.72 -16.68
CA PHE B 106 -2.95 17.17 -15.74
C PHE B 106 -2.95 16.49 -14.40
N SER B 107 -3.93 15.65 -14.10
CA SER B 107 -4.04 15.16 -12.73
C SER B 107 -4.64 13.78 -12.62
N ILE B 108 -4.34 13.15 -11.49
CA ILE B 108 -4.84 11.79 -11.19
C ILE B 108 -5.43 11.77 -9.80
N PRO B 109 -6.65 11.24 -9.66
CA PRO B 109 -7.31 11.24 -8.35
C PRO B 109 -6.48 10.54 -7.27
N TYR B 110 -6.41 11.19 -6.12
CA TYR B 110 -5.71 10.71 -4.93
C TYR B 110 -6.75 10.26 -3.87
N PHE B 111 -7.54 11.21 -3.39
CA PHE B 111 -8.70 10.91 -2.55
C PHE B 111 -9.86 11.78 -3.03
N TRP B 112 -11.08 11.36 -2.70
CA TRP B 112 -12.28 12.16 -3.04
C TRP B 112 -13.24 12.16 -1.86
N GLY B 113 -14.27 13.02 -1.93
CA GLY B 113 -15.25 13.05 -0.87
C GLY B 113 -16.41 13.95 -1.19
N THR B 114 -17.19 14.22 -0.15
CA THR B 114 -18.41 14.97 -0.28
C THR B 114 -18.57 16.01 0.84
N LEU B 115 -19.64 16.80 0.70
CA LEU B 115 -20.18 17.65 1.76
C LEU B 115 -21.42 16.88 2.31
N GLY B 116 -21.66 16.95 3.61
CA GLY B 116 -22.78 16.23 4.20
C GLY B 116 -23.12 16.70 5.59
N ILE B 117 -23.83 15.85 6.31
CA ILE B 117 -24.38 16.15 7.61
C ILE B 117 -23.83 15.17 8.64
N VAL B 118 -23.14 15.70 9.65
N VAL B 118 -23.15 15.72 9.65
CA VAL B 118 -22.66 14.88 10.75
CA VAL B 118 -22.68 14.95 10.78
C VAL B 118 -23.64 15.14 11.90
C VAL B 118 -23.71 15.15 11.87
N TYR B 119 -24.09 14.08 12.57
CA TYR B 119 -25.06 14.25 13.66
C TYR B 119 -24.81 13.28 14.80
N ASN B 120 -25.28 13.67 15.97
CA ASN B 120 -25.14 12.84 17.16
C ASN B 120 -26.44 12.06 17.30
N GLU B 121 -26.33 10.75 17.09
CA GLU B 121 -27.47 9.84 17.07
C GLU B 121 -28.29 9.88 18.37
N THR B 122 -27.64 10.24 19.48
CA THR B 122 -28.31 10.28 20.78
C THR B 122 -29.01 11.61 21.04
N MET B 123 -28.70 12.62 20.23
CA MET B 123 -29.24 13.98 20.39
C MET B 123 -30.31 14.37 19.37
N VAL B 124 -30.82 13.39 18.63
CA VAL B 124 -31.87 13.67 17.66
C VAL B 124 -32.99 12.67 17.78
N ASP B 125 -34.22 13.12 17.48
CA ASP B 125 -35.40 12.29 17.50
C ASP B 125 -35.33 11.42 16.24
N GLU B 126 -35.32 12.04 15.06
CA GLU B 126 -35.09 11.28 13.84
C GLU B 126 -33.83 11.81 13.17
N ALA B 127 -33.10 10.87 12.59
CA ALA B 127 -31.84 11.16 11.95
C ALA B 127 -32.07 12.03 10.72
N PRO B 128 -31.26 13.07 10.57
CA PRO B 128 -31.40 13.80 9.34
C PRO B 128 -30.93 12.90 8.19
N GLU B 129 -31.46 13.15 7.01
CA GLU B 129 -31.13 12.38 5.81
C GLU B 129 -31.05 13.29 4.58
N HIS B 130 -31.76 14.41 4.64
CA HIS B 130 -31.87 15.34 3.52
C HIS B 130 -31.64 16.76 3.96
N TRP B 131 -31.25 17.61 3.03
CA TRP B 131 -30.99 19.00 3.40
C TRP B 131 -32.20 19.62 4.08
N ASP B 132 -33.40 19.36 3.55
CA ASP B 132 -34.62 19.94 4.15
C ASP B 132 -34.85 19.53 5.58
N ASP B 133 -34.30 18.41 6.01
CA ASP B 133 -34.46 18.00 7.41
C ASP B 133 -33.84 19.03 8.35
N LEU B 134 -32.85 19.78 7.89
CA LEU B 134 -32.18 20.77 8.73
C LEU B 134 -33.14 21.89 9.15
N TRP B 135 -34.22 22.09 8.40
CA TRP B 135 -35.22 23.15 8.67
C TRP B 135 -36.30 22.76 9.68
N LYS B 136 -36.30 21.49 10.10
CA LYS B 136 -37.31 20.98 11.06
C LYS B 136 -37.31 21.68 12.39
N LEU B 137 -38.52 21.81 12.95
CA LEU B 137 -38.75 22.53 14.20
C LEU B 137 -37.85 21.99 15.31
N GLU B 138 -37.74 20.68 15.37
N GLU B 138 -37.71 20.68 15.37
CA GLU B 138 -36.93 19.99 16.38
CA GLU B 138 -36.94 20.02 16.43
C GLU B 138 -35.50 20.52 16.56
C GLU B 138 -35.46 20.40 16.52
N TYR B 139 -34.91 21.01 15.47
CA TYR B 139 -33.50 21.42 15.48
C TYR B 139 -33.18 22.87 15.88
N LYS B 140 -34.07 23.51 16.62
CA LYS B 140 -33.81 24.89 17.12
C LYS B 140 -32.42 24.96 17.80
N ASN B 141 -31.62 25.94 17.39
N ASN B 141 -31.61 25.94 17.40
CA ASN B 141 -30.27 26.15 17.95
CA ASN B 141 -30.27 26.11 17.95
C ASN B 141 -29.44 24.85 18.02
C ASN B 141 -29.48 24.82 18.04
N SER B 142 -29.64 23.94 17.05
CA SER B 142 -28.97 22.62 17.07
C SER B 142 -28.02 22.31 15.92
N ILE B 143 -27.73 23.28 15.04
CA ILE B 143 -26.90 23.04 13.88
C ILE B 143 -25.76 23.99 13.74
N MET B 144 -24.59 23.46 13.40
CA MET B 144 -23.49 24.31 13.02
C MET B 144 -23.23 24.17 11.51
N LEU B 145 -22.98 25.29 10.84
CA LEU B 145 -22.75 25.29 9.39
C LEU B 145 -21.32 25.64 9.04
N PHE B 146 -20.76 24.92 8.06
CA PHE B 146 -19.44 25.23 7.54
C PHE B 146 -19.42 26.69 7.09
N ASP B 147 -18.36 27.41 7.46
CA ASP B 147 -18.22 28.83 7.12
C ASP B 147 -17.66 29.01 5.70
N GLY B 148 -18.54 28.91 4.72
CA GLY B 148 -18.18 29.08 3.33
C GLY B 148 -19.39 29.40 2.47
N ALA B 149 -19.23 30.39 1.60
CA ALA B 149 -20.32 30.85 0.74
C ALA B 149 -20.80 29.77 -0.22
N ARG B 150 -19.89 29.07 -0.87
CA ARG B 150 -20.29 28.04 -1.82
C ARG B 150 -20.98 26.86 -1.15
N GLU B 151 -20.52 26.51 0.05
CA GLU B 151 -21.09 25.42 0.79
C GLU B 151 -22.50 25.71 1.26
N VAL B 152 -22.70 26.86 1.88
CA VAL B 152 -24.04 27.22 2.43
C VAL B 152 -25.01 27.59 1.31
N LEU B 153 -24.58 28.40 0.36
N LEU B 153 -24.59 28.40 0.36
CA LEU B 153 -25.49 28.69 -0.75
CA LEU B 153 -25.50 28.71 -0.74
C LEU B 153 -25.79 27.42 -1.51
C LEU B 153 -25.78 27.44 -1.54
N GLY B 154 -24.79 26.56 -1.65
CA GLY B 154 -24.98 25.33 -2.36
C GLY B 154 -25.98 24.39 -1.74
N LEU B 155 -25.96 24.27 -0.40
CA LEU B 155 -26.92 23.37 0.24
C LEU B 155 -28.32 23.97 0.16
N GLY B 156 -28.42 25.30 0.19
CA GLY B 156 -29.72 25.93 0.04
C GLY B 156 -30.26 25.68 -1.37
N LEU B 157 -29.42 25.86 -2.39
CA LEU B 157 -29.80 25.61 -3.79
C LEU B 157 -30.24 24.15 -3.93
N ASN B 158 -29.41 23.24 -3.41
CA ASN B 158 -29.71 21.82 -3.48
C ASN B 158 -31.04 21.46 -2.80
N SER B 159 -31.32 22.10 -1.65
CA SER B 159 -32.57 21.84 -0.93
C SER B 159 -33.81 22.24 -1.72
N LEU B 160 -33.63 23.10 -2.74
CA LEU B 160 -34.69 23.57 -3.63
C LEU B 160 -34.73 22.86 -5.00
N GLY B 161 -33.83 21.89 -5.19
CA GLY B 161 -33.73 21.14 -6.44
C GLY B 161 -32.89 21.83 -7.49
N TYR B 162 -32.11 22.83 -7.08
CA TYR B 162 -31.26 23.58 -8.00
C TYR B 162 -29.79 23.19 -7.90
N SER B 163 -29.03 23.50 -8.94
CA SER B 163 -27.61 23.20 -8.99
C SER B 163 -26.85 24.08 -8.02
N LEU B 164 -25.83 23.52 -7.36
CA LEU B 164 -24.98 24.31 -6.46
C LEU B 164 -24.02 25.25 -7.24
N ASN B 165 -24.11 25.23 -8.58
CA ASN B 165 -23.36 26.14 -9.45
C ASN B 165 -24.29 27.15 -10.14
N SER B 166 -25.53 27.27 -9.65
CA SER B 166 -26.53 28.13 -10.29
C SER B 166 -26.09 29.58 -10.45
N LYS B 167 -26.38 30.14 -11.62
CA LYS B 167 -26.16 31.56 -11.87
C LYS B 167 -27.49 32.23 -12.21
N ASP B 168 -28.59 31.54 -11.89
N ASP B 168 -28.60 31.54 -11.89
CA ASP B 168 -29.92 32.07 -12.13
CA ASP B 168 -29.96 32.04 -12.16
C ASP B 168 -30.28 33.02 -11.01
C ASP B 168 -30.44 32.97 -11.04
N PRO B 169 -30.63 34.28 -11.35
CA PRO B 169 -31.04 35.26 -10.32
C PRO B 169 -32.23 34.83 -9.45
N GLN B 170 -33.26 34.26 -10.07
CA GLN B 170 -34.46 33.84 -9.34
C GLN B 170 -34.17 32.69 -8.37
N GLN B 171 -33.37 31.73 -8.82
CA GLN B 171 -33.00 30.59 -7.98
C GLN B 171 -32.19 31.06 -6.80
N LEU B 172 -31.29 32.01 -7.02
CA LEU B 172 -30.44 32.50 -5.94
C LEU B 172 -31.26 33.33 -4.94
N GLU B 173 -32.21 34.11 -5.44
CA GLU B 173 -33.12 34.88 -4.59
C GLU B 173 -33.94 33.90 -3.72
N GLU B 174 -34.47 32.85 -4.33
CA GLU B 174 -35.24 31.83 -3.59
C GLU B 174 -34.38 31.17 -2.51
N THR B 175 -33.12 30.93 -2.83
CA THR B 175 -32.18 30.31 -1.91
C THR B 175 -31.94 31.18 -0.68
N VAL B 176 -31.71 32.47 -0.89
CA VAL B 176 -31.46 33.34 0.28
C VAL B 176 -32.75 33.40 1.14
N ASP B 177 -33.92 33.49 0.52
CA ASP B 177 -35.16 33.49 1.27
C ASP B 177 -35.32 32.20 2.12
N LYS B 178 -34.95 31.06 1.53
CA LYS B 178 -35.01 29.75 2.19
C LYS B 178 -34.02 29.70 3.33
N LEU B 179 -32.76 30.11 3.06
CA LEU B 179 -31.75 30.14 4.13
C LEU B 179 -32.16 31.04 5.30
N TYR B 180 -32.84 32.15 5.03
N TYR B 180 -32.86 32.12 5.02
CA TYR B 180 -33.34 32.98 6.12
CA TYR B 180 -33.36 32.97 6.07
C TYR B 180 -34.18 32.14 7.11
C TYR B 180 -34.20 32.18 7.09
N LYS B 181 -34.99 31.24 6.56
CA LYS B 181 -35.88 30.40 7.39
C LYS B 181 -35.16 29.35 8.22
N LEU B 182 -33.88 29.13 7.93
CA LEU B 182 -33.05 28.16 8.67
C LEU B 182 -32.41 28.79 9.90
N THR B 183 -32.38 30.13 9.99
CA THR B 183 -31.66 30.78 11.10
C THR B 183 -32.07 30.35 12.52
N PRO B 184 -33.37 30.06 12.79
CA PRO B 184 -33.71 29.58 14.15
C PRO B 184 -32.98 28.30 14.56
N ASN B 185 -32.51 27.54 13.59
CA ASN B 185 -31.82 26.27 13.84
C ASN B 185 -30.30 26.31 13.85
N ILE B 186 -29.72 27.46 13.49
N ILE B 186 -29.72 27.46 13.50
CA ILE B 186 -28.27 27.61 13.42
CA ILE B 186 -28.28 27.61 13.41
C ILE B 186 -27.66 28.14 14.70
C ILE B 186 -27.64 28.15 14.69
N LYS B 187 -26.88 27.30 15.37
CA LYS B 187 -26.19 27.67 16.60
C LYS B 187 -24.99 28.55 16.29
N ALA B 188 -24.25 28.18 15.25
CA ALA B 188 -23.08 28.95 14.84
C ALA B 188 -22.65 28.61 13.43
N ILE B 189 -21.88 29.51 12.85
CA ILE B 189 -21.25 29.31 11.53
C ILE B 189 -19.75 29.24 11.82
N VAL B 190 -19.15 28.09 11.53
CA VAL B 190 -17.73 27.85 11.83
C VAL B 190 -17.05 26.92 10.81
N ALA B 191 -15.71 26.89 10.83
CA ALA B 191 -14.97 26.00 9.93
C ALA B 191 -14.31 24.84 10.70
N ASP B 192 -13.01 24.92 10.93
CA ASP B 192 -12.31 23.83 11.63
C ASP B 192 -12.72 23.62 13.11
N GLU B 193 -13.12 24.68 13.81
CA GLU B 193 -13.54 24.53 15.22
C GLU B 193 -14.87 23.74 15.40
N MET B 194 -15.54 23.42 14.30
CA MET B 194 -16.77 22.64 14.40
C MET B 194 -16.50 21.30 15.05
N LYS B 195 -15.36 20.68 14.71
CA LYS B 195 -15.05 19.36 15.21
C LYS B 195 -15.06 19.28 16.74
N GLY B 196 -14.56 20.31 17.41
CA GLY B 196 -14.56 20.34 18.87
C GLY B 196 -15.99 20.25 19.42
N TYR B 197 -16.89 21.04 18.85
CA TYR B 197 -18.29 21.06 19.28
C TYR B 197 -18.99 19.71 19.08
N MET B 198 -18.71 19.04 17.95
CA MET B 198 -19.33 17.74 17.67
C MET B 198 -18.74 16.64 18.54
N ILE B 199 -17.41 16.56 18.57
CA ILE B 199 -16.72 15.53 19.35
C ILE B 199 -17.09 15.58 20.84
N GLN B 200 -17.25 16.79 21.38
CA GLN B 200 -17.55 16.99 22.79
C GLN B 200 -19.06 16.98 23.14
N ASN B 201 -19.91 16.58 22.20
CA ASN B 201 -21.37 16.51 22.42
C ASN B 201 -22.02 17.86 22.73
N ASN B 202 -21.42 18.95 22.23
CA ASN B 202 -21.93 20.30 22.44
C ASN B 202 -23.11 20.67 21.51
N VAL B 203 -23.13 20.11 20.30
CA VAL B 203 -24.21 20.38 19.34
C VAL B 203 -24.63 19.07 18.63
N ALA B 204 -25.89 19.00 18.25
CA ALA B 204 -26.45 17.78 17.66
C ALA B 204 -26.10 17.52 16.20
N ILE B 205 -25.92 18.59 15.43
CA ILE B 205 -25.76 18.48 14.00
C ILE B 205 -24.75 19.47 13.45
N GLY B 206 -23.97 19.02 12.48
CA GLY B 206 -23.00 19.87 11.81
C GLY B 206 -23.01 19.58 10.31
N VAL B 207 -22.79 20.62 9.51
CA VAL B 207 -22.69 20.47 8.06
C VAL B 207 -21.24 20.68 7.70
N THR B 208 -20.57 19.64 7.24
CA THR B 208 -19.16 19.75 6.88
C THR B 208 -18.76 18.67 5.88
N PHE B 209 -17.49 18.69 5.48
CA PHE B 209 -16.98 17.73 4.50
C PHE B 209 -16.64 16.36 5.09
N SER B 210 -16.67 15.37 4.20
CA SER B 210 -16.52 13.95 4.57
C SER B 210 -15.19 13.59 5.23
N GLY B 211 -14.12 14.29 4.85
CA GLY B 211 -12.81 14.09 5.45
C GLY B 211 -12.84 14.57 6.90
N GLU B 212 -13.42 15.76 7.11
CA GLU B 212 -13.60 16.33 8.44
C GLU B 212 -14.50 15.42 9.29
N ALA B 213 -15.56 14.90 8.68
CA ALA B 213 -16.49 14.00 9.38
C ALA B 213 -15.82 12.69 9.80
N SER B 214 -15.05 12.10 8.87
CA SER B 214 -14.32 10.86 9.11
C SER B 214 -13.43 11.03 10.35
N GLN B 215 -12.77 12.19 10.44
CA GLN B 215 -11.92 12.49 11.58
C GLN B 215 -12.75 12.66 12.86
N MET B 216 -13.94 13.28 12.78
CA MET B 216 -14.81 13.46 13.96
C MET B 216 -15.35 12.15 14.48
N LEU B 217 -15.78 11.29 13.55
CA LEU B 217 -16.35 10.00 13.93
C LEU B 217 -15.39 9.14 14.72
N GLU B 218 -14.12 9.09 14.29
CA GLU B 218 -13.07 8.32 14.98
C GLU B 218 -12.96 8.70 16.46
N LYS B 219 -13.32 9.93 16.80
CA LYS B 219 -13.17 10.41 18.17
C LYS B 219 -14.46 10.43 19.00
N ASN B 220 -15.58 10.02 18.40
CA ASN B 220 -16.86 9.97 19.10
C ASN B 220 -17.80 8.95 18.46
N GLU B 221 -18.04 7.85 19.18
CA GLU B 221 -18.86 6.73 18.69
C GLU B 221 -20.34 7.03 18.44
N ASN B 222 -20.86 8.09 19.03
CA ASN B 222 -22.27 8.47 18.83
C ASN B 222 -22.50 9.26 17.55
N LEU B 223 -21.44 9.74 16.91
CA LEU B 223 -21.58 10.52 15.69
C LEU B 223 -21.75 9.64 14.46
N ARG B 224 -22.55 10.17 13.53
CA ARG B 224 -22.82 9.54 12.25
C ARG B 224 -22.69 10.59 11.16
N TYR B 225 -22.42 10.15 9.94
CA TYR B 225 -22.32 11.03 8.78
C TYR B 225 -23.24 10.53 7.66
N VAL B 226 -23.95 11.44 7.01
CA VAL B 226 -24.84 11.12 5.90
C VAL B 226 -24.68 12.14 4.78
N VAL B 227 -24.71 11.64 3.54
CA VAL B 227 -24.68 12.49 2.39
C VAL B 227 -26.11 12.53 1.80
N PRO B 228 -26.75 13.72 1.74
CA PRO B 228 -28.10 13.77 1.17
C PRO B 228 -28.07 13.20 -0.24
N THR B 229 -28.94 12.22 -0.47
N THR B 229 -28.91 12.21 -0.50
CA THR B 229 -29.02 11.49 -1.73
CA THR B 229 -28.89 11.55 -1.81
C THR B 229 -29.50 12.33 -2.91
C THR B 229 -29.38 12.45 -2.94
N GLU B 230 -30.25 13.40 -2.63
CA GLU B 230 -30.81 14.27 -3.67
C GLU B 230 -29.78 15.09 -4.44
N ALA B 231 -28.72 15.51 -3.75
CA ALA B 231 -27.69 16.37 -4.32
C ALA B 231 -26.72 16.82 -3.20
N SER B 232 -25.46 16.90 -3.54
CA SER B 232 -24.46 17.46 -2.63
C SER B 232 -23.21 17.78 -3.42
N ASN B 233 -22.18 18.27 -2.73
CA ASN B 233 -20.89 18.59 -3.34
C ASN B 233 -19.96 17.38 -3.37
N LEU B 234 -19.16 17.34 -4.41
CA LEU B 234 -18.10 16.35 -4.67
C LEU B 234 -16.79 17.10 -4.72
N TRP B 235 -15.78 16.62 -3.98
CA TRP B 235 -14.44 17.21 -4.03
C TRP B 235 -13.41 16.15 -4.32
N PHE B 236 -12.26 16.62 -4.83
CA PHE B 236 -11.12 15.80 -5.15
C PHE B 236 -9.81 16.48 -4.77
N ASP B 237 -8.88 15.66 -4.28
CA ASP B 237 -7.47 16.09 -4.14
C ASP B 237 -6.77 15.13 -5.11
N ASN B 238 -5.89 15.66 -5.94
CA ASN B 238 -5.27 14.91 -7.03
C ASN B 238 -3.81 15.14 -7.20
N MET B 239 -3.10 14.11 -7.65
N MET B 239 -3.13 14.09 -7.67
CA MET B 239 -1.69 14.27 -7.92
CA MET B 239 -1.69 14.15 -7.93
C MET B 239 -1.47 14.97 -9.24
C MET B 239 -1.40 14.88 -9.27
N VAL B 240 -0.46 15.83 -9.24
CA VAL B 240 -0.03 16.57 -10.43
C VAL B 240 1.50 16.66 -10.41
N ILE B 241 2.07 17.03 -11.56
CA ILE B 241 3.49 17.25 -11.71
C ILE B 241 3.65 18.76 -12.00
N PRO B 242 4.10 19.56 -11.01
CA PRO B 242 4.25 20.98 -11.24
C PRO B 242 5.42 21.25 -12.18
N LYS B 243 5.40 22.41 -12.86
CA LYS B 243 6.48 22.80 -13.77
C LYS B 243 7.86 22.91 -13.10
N THR B 244 7.89 23.00 -11.78
CA THR B 244 9.13 23.03 -11.01
C THR B 244 9.83 21.68 -10.98
N VAL B 245 9.21 20.64 -11.56
CA VAL B 245 9.77 19.29 -11.51
C VAL B 245 11.21 19.18 -12.02
N LYS B 246 12.06 18.52 -11.22
CA LYS B 246 13.45 18.21 -11.61
C LYS B 246 13.71 16.71 -11.69
N ASN B 247 12.81 15.89 -11.14
CA ASN B 247 12.97 14.44 -11.14
C ASN B 247 11.74 13.81 -11.77
N GLN B 248 11.60 13.96 -13.08
CA GLN B 248 10.43 13.48 -13.77
C GLN B 248 10.27 11.96 -13.70
N ASP B 249 11.35 11.21 -13.90
CA ASP B 249 11.25 9.75 -13.82
C ASP B 249 10.73 9.37 -12.43
N SER B 250 11.26 10.01 -11.39
CA SER B 250 10.80 9.70 -10.03
C SER B 250 9.31 10.04 -9.84
N ALA B 251 8.85 11.15 -10.41
CA ALA B 251 7.45 11.54 -10.31
C ALA B 251 6.52 10.47 -10.90
N TYR B 252 6.85 9.98 -12.10
CA TYR B 252 6.06 8.92 -12.70
C TYR B 252 6.14 7.64 -11.91
N ALA B 253 7.31 7.33 -11.36
CA ALA B 253 7.44 6.14 -10.51
C ALA B 253 6.51 6.24 -9.30
N PHE B 254 6.36 7.43 -8.73
CA PHE B 254 5.49 7.59 -7.57
C PHE B 254 4.01 7.50 -7.94
N ILE B 255 3.62 8.12 -9.04
CA ILE B 255 2.25 8.03 -9.52
C ILE B 255 1.90 6.55 -9.72
N ASN B 256 2.80 5.80 -10.35
CA ASN B 256 2.54 4.38 -10.62
C ASN B 256 2.45 3.56 -9.35
N PHE B 257 3.35 3.86 -8.41
CA PHE B 257 3.33 3.19 -7.11
C PHE B 257 1.98 3.40 -6.40
N MET B 258 1.48 4.63 -6.41
CA MET B 258 0.23 4.97 -5.73
C MET B 258 -1.05 4.53 -6.46
N LEU B 259 -0.90 4.18 -7.75
CA LEU B 259 -1.99 3.59 -8.52
C LEU B 259 -2.13 2.07 -8.26
N LYS B 260 -1.11 1.42 -7.67
CA LYS B 260 -1.21 -0.02 -7.38
C LYS B 260 -2.28 -0.20 -6.31
N PRO B 261 -3.25 -1.10 -6.54
CA PRO B 261 -4.33 -1.19 -5.59
C PRO B 261 -3.92 -1.46 -4.13
N GLU B 262 -2.89 -2.27 -3.90
CA GLU B 262 -2.44 -2.53 -2.52
C GLU B 262 -2.01 -1.27 -1.80
N ASN B 263 -1.43 -0.36 -2.55
CA ASN B 263 -0.94 0.90 -1.99
C ASN B 263 -2.08 1.90 -1.77
N ALA B 264 -2.98 2.02 -2.74
CA ALA B 264 -4.19 2.83 -2.56
C ALA B 264 -5.00 2.33 -1.37
N LEU B 265 -5.09 1.01 -1.22
CA LEU B 265 -5.83 0.36 -0.13
C LEU B 265 -5.23 0.74 1.22
N GLN B 266 -3.93 0.53 1.36
CA GLN B 266 -3.23 0.86 2.60
C GLN B 266 -3.38 2.33 2.93
N ASN B 267 -3.27 3.18 1.90
CA ASN B 267 -3.39 4.63 2.12
C ASN B 267 -4.80 5.00 2.62
N ALA B 268 -5.83 4.42 2.00
CA ALA B 268 -7.22 4.69 2.41
C ALA B 268 -7.49 4.23 3.84
N GLU B 269 -6.96 3.07 4.21
CA GLU B 269 -7.13 2.54 5.55
C GLU B 269 -6.43 3.46 6.59
N TYR B 270 -5.26 4.00 6.23
CA TYR B 270 -4.53 4.83 7.14
C TYR B 270 -5.16 6.24 7.28
N VAL B 271 -5.41 6.88 6.16
CA VAL B 271 -5.97 8.26 6.17
C VAL B 271 -7.47 8.27 6.53
N GLY B 272 -8.17 7.24 6.10
CA GLY B 272 -9.58 7.05 6.40
C GLY B 272 -10.53 7.73 5.45
N TYR B 273 -10.05 8.14 4.28
CA TYR B 273 -10.84 8.84 3.29
C TYR B 273 -11.19 7.88 2.18
N SER B 274 -12.12 8.32 1.31
CA SER B 274 -12.64 7.48 0.22
C SER B 274 -11.64 7.34 -0.91
N THR B 275 -11.38 6.09 -1.30
CA THR B 275 -10.47 5.85 -2.41
C THR B 275 -11.17 5.89 -3.76
N PRO B 276 -10.51 6.46 -4.78
CA PRO B 276 -11.02 6.43 -6.15
C PRO B 276 -10.55 5.18 -6.92
N ASN B 277 -9.75 4.34 -6.26
CA ASN B 277 -9.19 3.11 -6.85
C ASN B 277 -10.23 2.00 -6.63
N LEU B 278 -10.88 1.58 -7.71
CA LEU B 278 -11.95 0.56 -7.60
C LEU B 278 -11.47 -0.82 -7.11
N PRO B 279 -10.37 -1.34 -7.67
CA PRO B 279 -9.91 -2.63 -7.15
C PRO B 279 -9.53 -2.57 -5.65
N ALA B 280 -8.93 -1.45 -5.23
CA ALA B 280 -8.59 -1.29 -3.82
C ALA B 280 -9.88 -1.29 -2.95
N LYS B 281 -10.93 -0.61 -3.40
CA LYS B 281 -12.17 -0.56 -2.64
C LYS B 281 -12.71 -1.96 -2.34
N GLU B 282 -12.59 -2.86 -3.31
CA GLU B 282 -13.10 -4.21 -3.15
C GLU B 282 -12.40 -5.03 -2.07
N LEU B 283 -11.21 -4.61 -1.70
CA LEU B 283 -10.38 -5.31 -0.71
C LEU B 283 -10.44 -4.67 0.69
N LEU B 284 -11.21 -3.60 0.84
CA LEU B 284 -11.39 -2.93 2.13
C LEU B 284 -12.22 -3.80 3.09
N PRO B 285 -12.12 -3.53 4.40
CA PRO B 285 -13.03 -4.20 5.32
C PRO B 285 -14.51 -3.95 4.94
N GLU B 286 -15.35 -4.94 5.19
CA GLU B 286 -16.76 -4.89 4.83
C GLU B 286 -17.44 -3.66 5.38
N GLU B 287 -17.21 -3.39 6.66
CA GLU B 287 -17.85 -2.27 7.32
C GLU B 287 -17.51 -0.94 6.64
N THR B 288 -16.28 -0.83 6.13
CA THR B 288 -15.82 0.37 5.46
C THR B 288 -16.41 0.50 4.04
N LYS B 289 -16.25 -0.54 3.23
CA LYS B 289 -16.76 -0.42 1.84
C LYS B 289 -18.26 -0.31 1.70
N GLU B 290 -19.01 -0.87 2.66
N GLU B 290 -18.99 -0.84 2.69
CA GLU B 290 -20.47 -0.81 2.62
CA GLU B 290 -20.46 -0.82 2.68
C GLU B 290 -21.02 0.44 3.32
C GLU B 290 -21.11 0.43 3.28
N ASP B 291 -20.20 1.06 4.18
N ASP B 291 -20.34 1.51 3.45
CA ASP B 291 -20.64 2.22 4.94
CA ASP B 291 -20.88 2.77 3.95
C ASP B 291 -21.03 3.37 4.00
C ASP B 291 -21.20 3.66 2.74
N LYS B 292 -22.34 3.54 3.84
N LYS B 292 -22.49 3.84 2.47
CA LYS B 292 -22.91 4.57 2.96
CA LYS B 292 -22.91 4.60 1.29
C LYS B 292 -22.53 6.00 3.35
C LYS B 292 -22.54 6.08 1.32
N ALA B 293 -22.07 6.18 4.57
N ALA B 293 -22.26 6.62 2.49
CA ALA B 293 -21.60 7.48 4.99
CA ALA B 293 -21.90 8.02 2.62
C ALA B 293 -20.45 7.93 4.07
C ALA B 293 -20.51 8.30 2.06
N PHE B 294 -19.56 6.99 3.76
N PHE B 294 -19.63 7.31 2.17
CA PHE B 294 -18.34 7.30 2.99
CA PHE B 294 -18.27 7.41 1.67
C PHE B 294 -18.21 6.65 1.61
C PHE B 294 -18.13 6.73 0.31
N TYR B 295 -19.01 5.63 1.36
N TYR B 295 -18.97 5.73 0.07
CA TYR B 295 -19.11 5.05 0.04
CA TYR B 295 -18.98 5.04 -1.21
C TYR B 295 -20.60 4.99 -0.30
C TYR B 295 -20.44 4.99 -1.70
N PRO B 296 -21.19 6.16 -0.62
N PRO B 296 -20.96 6.14 -2.12
CA PRO B 296 -22.61 6.27 -0.93
CA PRO B 296 -22.31 6.27 -2.65
C PRO B 296 -23.03 5.48 -2.16
C PRO B 296 -22.54 5.39 -3.87
N ASP B 297 -24.32 5.19 -2.28
N ASP B 297 -23.79 5.03 -4.11
CA ASP B 297 -24.83 4.42 -3.40
CA ASP B 297 -24.14 4.27 -5.29
C ASP B 297 -24.71 5.15 -4.73
C ASP B 297 -24.16 5.18 -6.50
N VAL B 298 -24.94 4.40 -5.81
N VAL B 298 -24.30 4.59 -7.67
CA VAL B 298 -24.83 4.88 -7.18
CA VAL B 298 -24.29 5.36 -8.89
C VAL B 298 -25.62 6.16 -7.51
C VAL B 298 -25.30 6.52 -8.82
N GLU B 299 -26.91 6.17 -7.25
N GLU B 299 -26.31 6.39 -7.95
CA GLU B 299 -27.71 7.37 -7.58
CA GLU B 299 -27.38 7.41 -7.76
C GLU B 299 -27.29 8.61 -6.78
C GLU B 299 -27.01 8.62 -6.88
N THR B 300 -26.70 8.40 -5.60
CA THR B 300 -26.23 9.50 -4.76
C THR B 300 -25.02 10.11 -5.46
N MET B 301 -24.12 9.25 -5.95
N MET B 301 -24.13 9.24 -5.96
CA MET B 301 -22.92 9.71 -6.64
CA MET B 301 -22.93 9.67 -6.71
C MET B 301 -23.26 10.52 -7.92
C MET B 301 -23.29 10.54 -7.90
N LYS B 302 -24.28 10.09 -8.66
CA LYS B 302 -24.72 10.82 -9.86
C LYS B 302 -25.25 12.23 -9.56
N HIS B 303 -25.85 12.40 -8.38
CA HIS B 303 -26.42 13.69 -8.00
C HIS B 303 -25.40 14.65 -7.40
N LEU B 304 -24.17 14.19 -7.22
CA LEU B 304 -23.10 15.04 -6.67
C LEU B 304 -22.60 15.97 -7.75
N GLU B 305 -22.14 17.17 -7.35
CA GLU B 305 -21.57 18.17 -8.27
C GLU B 305 -20.35 18.83 -7.69
N VAL B 306 -19.34 19.05 -8.53
CA VAL B 306 -18.14 19.77 -8.14
C VAL B 306 -18.41 21.27 -8.26
N TYR B 307 -17.87 22.07 -7.36
CA TYR B 307 -18.00 23.54 -7.48
C TYR B 307 -17.29 23.99 -8.73
N GLU B 308 -18.02 24.74 -9.56
N GLU B 308 -18.02 24.71 -9.59
CA GLU B 308 -17.51 25.32 -10.78
CA GLU B 308 -17.44 25.23 -10.80
C GLU B 308 -16.62 26.48 -10.42
C GLU B 308 -16.61 26.44 -10.42
N LYS B 309 -15.67 26.77 -11.30
CA LYS B 309 -14.81 27.92 -11.12
C LYS B 309 -15.60 29.14 -11.55
N PHE B 310 -16.01 29.95 -10.59
CA PHE B 310 -16.71 31.16 -10.94
C PHE B 310 -15.72 32.23 -11.31
N ASP B 311 -16.08 33.04 -12.30
CA ASP B 311 -15.24 34.17 -12.65
C ASP B 311 -15.29 35.14 -11.47
N HIS B 312 -14.72 36.33 -11.63
CA HIS B 312 -14.67 37.34 -10.57
C HIS B 312 -16.05 37.80 -10.11
N LYS B 313 -16.93 38.16 -11.04
CA LYS B 313 -18.24 38.66 -10.63
C LYS B 313 -19.12 37.62 -9.96
N TRP B 314 -18.93 36.33 -10.27
CA TRP B 314 -19.76 35.31 -9.61
C TRP B 314 -19.23 34.93 -8.22
N THR B 315 -17.92 34.91 -8.04
CA THR B 315 -17.33 34.68 -6.72
C THR B 315 -17.84 35.80 -5.81
N GLY B 316 -17.86 37.02 -6.34
CA GLY B 316 -18.34 38.16 -5.59
C GLY B 316 -19.82 38.12 -5.31
N LYS B 317 -20.62 37.73 -6.30
CA LYS B 317 -22.06 37.64 -6.09
C LYS B 317 -22.36 36.64 -4.98
N TYR B 318 -21.76 35.45 -5.04
CA TYR B 318 -21.99 34.48 -4.00
C TYR B 318 -21.51 34.97 -2.61
N SER B 319 -20.36 35.65 -2.56
CA SER B 319 -19.88 36.20 -1.30
C SER B 319 -20.90 37.17 -0.72
N ASP B 320 -21.45 38.01 -1.59
CA ASP B 320 -22.45 39.01 -1.17
C ASP B 320 -23.74 38.36 -0.64
N LEU B 321 -24.21 37.33 -1.33
CA LEU B 321 -25.41 36.61 -0.89
C LEU B 321 -25.16 35.97 0.50
N PHE B 322 -23.99 35.41 0.70
CA PHE B 322 -23.62 34.80 2.00
C PHE B 322 -23.56 35.90 3.08
N LEU B 323 -23.02 37.05 2.73
CA LEU B 323 -22.98 38.18 3.66
C LEU B 323 -24.42 38.59 4.02
N GLN B 324 -25.34 38.58 3.05
N GLN B 324 -25.34 38.56 3.05
CA GLN B 324 -26.76 38.92 3.32
CA GLN B 324 -26.74 38.91 3.31
C GLN B 324 -27.31 37.96 4.38
C GLN B 324 -27.33 37.96 4.35
N PHE B 325 -27.01 36.68 4.22
CA PHE B 325 -27.47 35.65 5.14
C PHE B 325 -26.88 35.90 6.53
N LYS B 326 -25.60 36.21 6.60
CA LYS B 326 -24.98 36.49 7.89
C LYS B 326 -25.59 37.74 8.56
N MET B 327 -25.99 38.74 7.78
N MET B 327 -25.87 38.78 7.77
CA MET B 327 -26.64 39.93 8.36
CA MET B 327 -26.44 40.04 8.28
C MET B 327 -27.96 39.51 9.03
C MET B 327 -27.80 39.79 8.93
N TYR B 328 -28.75 38.67 8.35
N TYR B 328 -28.51 38.75 8.45
CA TYR B 328 -30.03 38.25 8.91
CA TYR B 328 -29.83 38.38 9.00
C TYR B 328 -29.87 37.44 10.22
C TYR B 328 -29.74 37.63 10.31
N ARG B 329 -28.72 36.80 10.43
CA ARG B 329 -28.49 36.07 11.68
C ARG B 329 -28.29 37.00 12.87
N LYS B 330 -27.93 38.26 12.62
CA LYS B 330 -27.71 39.26 13.67
C LYS B 330 -29.04 39.77 14.19
#